data_4F10
#
_entry.id   4F10
#
_cell.length_a   65.386
_cell.length_b   77.607
_cell.length_c   145.411
_cell.angle_alpha   90.00
_cell.angle_beta   90.00
_cell.angle_gamma   90.00
#
_symmetry.space_group_name_H-M   'P 21 21 21'
#
loop_
_entity.id
_entity.type
_entity.pdbx_description
1 polymer 'Alginate lyase'
2 branched '4-deoxy-alpha-L-erythro-hex-4-enopyranuronic acid-(1-4)-alpha-L-gulopyranuronic acid-(1-4)-beta-D-mannopyranuronic acid-(1-4)-beta-D-mannopyranuronic acid'
3 branched 'alpha-L-gulopyranuronic acid-(1-4)-beta-D-mannopyranuronic acid'
4 water water
#
_entity_poly.entity_id   1
_entity_poly.type   'polypeptide(L)'
_entity_poly.pdbx_seq_one_letter_code
;GSHPFDQAVVKDPTASYVDVKARRTFLQSGQLDDRLKAALPKEYDCTTEATPNPQQGEMVIPRRYLSGNHGPVNPDYEPV
VTLYRDFEKISATLGNLYVATGKPVYATCLLNMLDKWAKADALLNYDPKSQSWYQVEWSAATAAFALSTMMAEPNVDTAQ
RERVVKWLNRVARHQTSFPGGDTSCCNNASYWRGQEATIIGVISKDDELFRWGLGRYVQAMGLINEDGSFVHEMTRHEQS
LHYQNYAMLPLTMIAETASRQGIDLYAYKENGRDIHSARKFVFAAVKNPDLIKKYASEPQDTRAFKPGRGDLNWIEYQRA
RFGFADELGFMTVPIFDPRTGGSATLLAYKPQG
;
_entity_poly.pdbx_strand_id   A,B
#
# COMPACT_ATOMS: atom_id res chain seq x y z
N GLY A 1 -26.27 -28.49 26.29
CA GLY A 1 -25.72 -28.37 24.94
C GLY A 1 -26.70 -27.76 23.94
N SER A 2 -26.26 -27.51 22.69
CA SER A 2 -24.87 -27.77 22.27
C SER A 2 -23.89 -26.70 22.77
N HIS A 3 -24.42 -25.59 23.26
CA HIS A 3 -23.64 -24.68 24.08
C HIS A 3 -24.55 -23.83 24.98
N PRO A 4 -24.02 -23.36 26.12
CA PRO A 4 -24.78 -22.68 27.17
C PRO A 4 -25.49 -21.38 26.77
N PHE A 5 -25.26 -20.89 25.56
CA PHE A 5 -25.85 -19.62 25.15
C PHE A 5 -26.73 -19.82 23.93
N ASP A 6 -27.16 -21.08 23.73
CA ASP A 6 -27.97 -21.46 22.59
C ASP A 6 -29.40 -20.96 22.64
N GLN A 7 -29.80 -20.34 23.75
CA GLN A 7 -31.12 -19.77 23.89
C GLN A 7 -31.08 -18.26 24.03
N ALA A 8 -29.88 -17.69 23.93
CA ALA A 8 -29.67 -16.26 24.10
C ALA A 8 -30.35 -15.46 22.99
N VAL A 9 -30.83 -14.29 23.32
CA VAL A 9 -31.45 -13.44 22.31
C VAL A 9 -30.83 -12.06 22.28
N VAL A 10 -31.07 -11.33 21.20
CA VAL A 10 -30.71 -9.92 21.14
C VAL A 10 -31.77 -9.10 21.85
N LYS A 11 -31.37 -8.41 22.90
CA LYS A 11 -32.30 -7.58 23.66
C LYS A 11 -32.46 -6.22 23.01
N ASP A 12 -31.33 -5.69 22.55
CA ASP A 12 -31.28 -4.31 22.11
C ASP A 12 -30.27 -4.15 20.98
N PRO A 13 -30.80 -4.05 19.74
CA PRO A 13 -30.03 -3.88 18.52
C PRO A 13 -29.28 -2.57 18.49
N THR A 14 -29.59 -1.64 19.40
CA THR A 14 -28.92 -0.37 19.42
C THR A 14 -27.81 -0.30 20.45
N ALA A 15 -27.64 -1.35 21.25
CA ALA A 15 -26.71 -1.31 22.38
C ALA A 15 -25.24 -1.18 22.01
N SER A 16 -24.90 -1.50 20.77
CA SER A 16 -23.53 -1.42 20.27
C SER A 16 -22.54 -2.22 21.11
N TYR A 17 -21.26 -1.85 21.04
CA TYR A 17 -20.22 -2.56 21.78
C TYR A 17 -19.63 -1.70 22.89
N VAL A 18 -20.19 -0.51 23.03
CA VAL A 18 -19.91 0.39 24.14
C VAL A 18 -21.18 1.17 24.40
N ASP A 19 -21.26 1.76 25.59
CA ASP A 19 -22.36 2.67 25.92
C ASP A 19 -22.06 3.97 25.23
N VAL A 20 -22.65 4.16 24.06
CA VAL A 20 -22.32 5.29 23.21
C VAL A 20 -22.55 6.62 23.92
N LYS A 21 -23.76 6.80 24.45
CA LYS A 21 -24.11 8.05 25.09
C LYS A 21 -23.29 8.36 26.33
N ALA A 22 -23.03 7.33 27.14
CA ALA A 22 -22.25 7.55 28.35
C ALA A 22 -20.84 7.95 27.99
N ARG A 23 -20.27 7.31 26.98
CA ARG A 23 -18.89 7.58 26.62
C ARG A 23 -18.74 8.95 26.03
N ARG A 24 -19.66 9.33 25.16
CA ARG A 24 -19.65 10.65 24.56
C ARG A 24 -19.71 11.70 25.66
N THR A 25 -20.60 11.48 26.60
CA THR A 25 -20.75 12.38 27.73
C THR A 25 -19.42 12.53 28.46
N PHE A 26 -18.78 11.41 28.74
CA PHE A 26 -17.47 11.45 29.37
C PHE A 26 -16.43 12.22 28.55
N LEU A 27 -16.42 12.01 27.23
CA LEU A 27 -15.45 12.67 26.37
C LEU A 27 -15.67 14.17 26.28
N GLN A 28 -16.92 14.61 26.46
CA GLN A 28 -17.23 16.02 26.33
C GLN A 28 -17.15 16.77 27.66
N SER A 29 -17.26 16.04 28.75
CA SER A 29 -17.23 16.63 30.06
C SER A 29 -16.10 16.09 30.89
N GLY A 30 -15.49 14.99 30.58
CA GLY A 30 -14.65 14.45 31.65
C GLY A 30 -13.28 15.07 31.79
N GLN A 31 -12.56 14.67 32.83
CA GLN A 31 -11.18 15.09 33.01
C GLN A 31 -10.23 14.27 32.13
N LEU A 32 -9.93 14.74 30.90
CA LEU A 32 -9.11 13.98 29.93
C LEU A 32 -7.63 14.17 30.18
N ASP A 33 -6.87 13.09 30.16
CA ASP A 33 -5.41 13.23 30.23
C ASP A 33 -4.83 13.40 28.83
N ASP A 34 -3.52 13.46 28.72
CA ASP A 34 -2.86 13.74 27.46
C ASP A 34 -3.14 12.68 26.40
N ARG A 35 -3.15 11.42 26.82
CA ARG A 35 -3.26 10.33 25.88
C ARG A 35 -4.69 10.22 25.31
N LEU A 36 -5.70 10.51 26.12
CA LEU A 36 -7.08 10.55 25.65
C LEU A 36 -7.25 11.72 24.68
N LYS A 37 -6.65 12.85 25.01
CA LYS A 37 -6.70 14.01 24.13
C LYS A 37 -6.10 13.67 22.77
N ALA A 38 -4.98 12.97 22.79
CA ALA A 38 -4.29 12.56 21.59
C ALA A 38 -5.17 11.64 20.74
N ALA A 39 -6.14 10.97 21.37
CA ALA A 39 -6.98 10.00 20.69
C ALA A 39 -8.23 10.61 20.05
N LEU A 40 -8.54 11.86 20.39
CA LEU A 40 -9.66 12.54 19.76
C LEU A 40 -9.43 12.64 18.27
N PRO A 41 -10.36 12.08 17.49
CA PRO A 41 -10.26 12.06 16.04
C PRO A 41 -10.56 13.46 15.48
N LYS A 42 -9.93 13.81 14.36
CA LYS A 42 -10.12 15.16 13.86
C LYS A 42 -11.31 15.25 12.92
N GLU A 43 -12.14 16.26 13.14
CA GLU A 43 -13.31 16.46 12.30
C GLU A 43 -12.93 16.86 10.89
N TYR A 44 -13.75 16.47 9.94
CA TYR A 44 -13.53 16.82 8.55
C TYR A 44 -14.84 16.73 7.80
N ASP A 45 -14.91 17.37 6.65
CA ASP A 45 -16.12 17.33 5.84
C ASP A 45 -16.16 16.03 5.05
N CYS A 46 -16.84 15.04 5.61
CA CYS A 46 -16.89 13.72 5.00
C CYS A 46 -17.83 13.69 3.81
N THR A 47 -18.68 14.71 3.68
CA THR A 47 -19.61 14.77 2.57
C THR A 47 -18.92 14.95 1.22
N THR A 48 -17.72 15.53 1.24
CA THR A 48 -16.98 15.78 0.02
C THR A 48 -15.90 14.71 -0.24
N GLU A 49 -15.70 13.82 0.72
CA GLU A 49 -14.70 12.76 0.62
C GLU A 49 -15.05 11.76 -0.48
N ALA A 50 -14.04 11.36 -1.24
CA ALA A 50 -14.18 10.23 -2.14
C ALA A 50 -13.91 8.94 -1.38
N THR A 51 -14.88 8.03 -1.39
CA THR A 51 -14.74 6.76 -0.71
C THR A 51 -14.49 5.64 -1.71
N PRO A 52 -13.83 4.56 -1.25
CA PRO A 52 -13.48 3.46 -2.16
C PRO A 52 -14.72 2.87 -2.81
N ASN A 53 -14.63 2.63 -4.11
CA ASN A 53 -15.66 1.87 -4.80
C ASN A 53 -15.40 0.38 -4.64
N PRO A 54 -16.48 -0.39 -4.50
CA PRO A 54 -16.38 -1.84 -4.33
C PRO A 54 -15.98 -2.51 -5.63
N GLN A 55 -15.29 -3.64 -5.52
CA GLN A 55 -15.00 -4.49 -6.65
C GLN A 55 -16.31 -4.91 -7.26
N GLN A 56 -16.42 -4.82 -8.58
CA GLN A 56 -17.57 -5.42 -9.23
C GLN A 56 -17.24 -6.86 -9.58
N GLY A 57 -18.24 -7.71 -9.57
CA GLY A 57 -18.02 -9.11 -9.87
C GLY A 57 -17.40 -9.87 -8.73
N GLU A 58 -16.46 -10.76 -9.06
CA GLU A 58 -15.86 -11.68 -8.09
CA GLU A 58 -15.89 -11.66 -8.07
C GLU A 58 -14.77 -11.03 -7.26
N MET A 59 -14.81 -11.28 -5.97
CA MET A 59 -13.83 -10.82 -5.04
C MET A 59 -12.66 -11.77 -5.15
N VAL A 60 -11.55 -11.26 -5.65
CA VAL A 60 -10.38 -12.09 -5.88
C VAL A 60 -9.19 -11.52 -5.16
N ILE A 61 -8.67 -12.32 -4.23
CA ILE A 61 -7.59 -11.92 -3.34
C ILE A 61 -6.56 -13.05 -3.21
N PRO A 62 -5.29 -12.72 -3.49
CA PRO A 62 -4.21 -13.69 -3.44
C PRO A 62 -3.97 -14.13 -2.00
N ARG A 63 -3.34 -15.29 -1.84
CA ARG A 63 -3.01 -15.77 -0.51
C ARG A 63 -2.03 -14.81 0.17
N ARG A 64 -2.18 -14.63 1.47
CA ARG A 64 -1.27 -13.80 2.24
C ARG A 64 0.15 -14.36 2.29
N TYR A 65 0.28 -15.65 2.55
CA TYR A 65 1.61 -16.23 2.73
C TYR A 65 2.13 -16.86 1.45
N LEU A 66 3.41 -16.60 1.15
CA LEU A 66 4.05 -17.19 -0.02
C LEU A 66 3.78 -18.69 -0.09
N SER A 67 4.12 -19.41 0.99
CA SER A 67 3.71 -20.80 1.12
C SER A 67 3.36 -21.15 2.57
N GLY A 68 2.42 -22.08 2.73
CA GLY A 68 1.97 -22.51 4.04
C GLY A 68 1.19 -21.44 4.76
N ASN A 69 1.32 -21.42 6.09
CA ASN A 69 0.62 -20.44 6.92
C ASN A 69 1.55 -19.57 7.77
N HIS A 70 2.78 -19.39 7.31
CA HIS A 70 3.73 -18.50 7.95
C HIS A 70 4.87 -18.23 6.98
N GLY A 71 5.93 -17.59 7.46
CA GLY A 71 7.05 -17.22 6.62
C GLY A 71 6.77 -15.94 5.86
N PRO A 72 7.54 -15.69 4.78
CA PRO A 72 7.47 -14.47 3.99
C PRO A 72 6.11 -14.24 3.38
N VAL A 73 5.73 -12.98 3.32
CA VAL A 73 4.46 -12.57 2.78
C VAL A 73 4.50 -12.50 1.26
N ASN A 74 3.38 -12.87 0.64
CA ASN A 74 3.16 -12.77 -0.79
C ASN A 74 3.14 -11.33 -1.31
N PRO A 75 4.11 -10.98 -2.16
CA PRO A 75 4.27 -9.65 -2.77
C PRO A 75 3.02 -9.15 -3.48
N ASP A 76 2.18 -10.05 -3.99
CA ASP A 76 0.96 -9.64 -4.68
C ASP A 76 -0.19 -9.33 -3.74
N TYR A 77 -0.01 -9.65 -2.46
CA TYR A 77 -1.10 -9.54 -1.51
C TYR A 77 -1.50 -8.08 -1.21
N GLU A 78 -0.59 -7.32 -0.63
CA GLU A 78 -0.93 -6.01 -0.12
C GLU A 78 -1.54 -5.02 -1.12
N PRO A 79 -1.02 -4.99 -2.37
CA PRO A 79 -1.62 -4.04 -3.31
C PRO A 79 -3.10 -4.32 -3.52
N VAL A 80 -3.50 -5.58 -3.39
CA VAL A 80 -4.91 -5.94 -3.57
C VAL A 80 -5.77 -5.64 -2.34
N VAL A 81 -5.30 -5.95 -1.14
CA VAL A 81 -6.11 -5.73 0.05
C VAL A 81 -6.22 -4.27 0.47
N THR A 82 -5.41 -3.40 -0.14
CA THR A 82 -5.42 -1.98 0.22
C THR A 82 -6.81 -1.32 0.15
N LEU A 83 -7.54 -1.54 -0.94
CA LEU A 83 -8.92 -1.11 -1.10
C LEU A 83 -9.77 -1.41 0.13
N TYR A 84 -9.64 -2.65 0.61
CA TYR A 84 -10.39 -3.08 1.78
C TYR A 84 -9.91 -2.38 3.03
N ARG A 85 -8.60 -2.24 3.14
CA ARG A 85 -8.03 -1.49 4.24
C ARG A 85 -8.46 -0.01 4.27
N ASP A 86 -8.61 0.62 3.10
CA ASP A 86 -9.11 1.99 3.08
C ASP A 86 -10.57 2.00 3.55
N PHE A 87 -11.34 1.06 3.03
CA PHE A 87 -12.74 0.88 3.43
C PHE A 87 -12.90 0.73 4.94
N GLU A 88 -12.09 -0.13 5.54
CA GLU A 88 -12.11 -0.35 6.97
C GLU A 88 -11.71 0.90 7.75
N LYS A 89 -10.63 1.53 7.32
CA LYS A 89 -10.11 2.71 7.98
C LYS A 89 -11.14 3.83 8.02
N ILE A 90 -11.73 4.12 6.87
CA ILE A 90 -12.74 5.14 6.80
C ILE A 90 -13.94 4.79 7.68
N SER A 91 -14.41 3.55 7.57
CA SER A 91 -15.56 3.08 8.33
C SER A 91 -15.37 3.31 9.83
N ALA A 92 -14.24 2.83 10.35
CA ALA A 92 -13.95 2.93 11.77
C ALA A 92 -13.79 4.39 12.17
N THR A 93 -13.23 5.18 11.28
CA THR A 93 -12.99 6.57 11.58
C THR A 93 -14.31 7.33 11.76
N LEU A 94 -15.27 7.04 10.90
CA LEU A 94 -16.55 7.71 10.95
C LEU A 94 -17.37 7.25 12.14
N GLY A 95 -17.24 5.98 12.48
CA GLY A 95 -17.84 5.46 13.68
C GLY A 95 -17.32 6.17 14.92
N ASN A 96 -16.00 6.28 15.03
CA ASN A 96 -15.38 6.95 16.17
C ASN A 96 -15.81 8.43 16.27
N LEU A 97 -15.80 9.13 15.14
CA LEU A 97 -16.26 10.50 15.08
C LEU A 97 -17.71 10.69 15.53
N TYR A 98 -18.58 9.75 15.16
CA TYR A 98 -19.97 9.82 15.61
C TYR A 98 -20.06 9.68 17.12
N VAL A 99 -19.30 8.74 17.67
CA VAL A 99 -19.30 8.54 19.10
C VAL A 99 -18.83 9.82 19.79
N ALA A 100 -17.72 10.36 19.31
CA ALA A 100 -17.10 11.51 19.95
C ALA A 100 -17.92 12.80 19.83
N THR A 101 -18.59 13.01 18.70
CA THR A 101 -19.23 14.30 18.44
C THR A 101 -20.76 14.27 18.51
N GLY A 102 -21.36 13.13 18.21
CA GLY A 102 -22.80 13.04 18.13
C GLY A 102 -23.37 13.69 16.88
N LYS A 103 -22.50 14.10 15.96
CA LYS A 103 -22.94 14.71 14.72
C LYS A 103 -23.44 13.71 13.67
N PRO A 104 -24.73 13.81 13.32
CA PRO A 104 -25.38 12.93 12.35
C PRO A 104 -24.68 12.93 10.99
N VAL A 105 -23.95 14.00 10.67
CA VAL A 105 -23.25 14.05 9.40
C VAL A 105 -22.29 12.86 9.22
N TYR A 106 -21.65 12.42 10.30
CA TYR A 106 -20.74 11.29 10.21
C TYR A 106 -21.49 9.99 9.93
N ALA A 107 -22.67 9.84 10.52
CA ALA A 107 -23.52 8.69 10.30
C ALA A 107 -23.99 8.65 8.85
N THR A 108 -24.41 9.79 8.34
CA THR A 108 -24.86 9.86 6.97
C THR A 108 -23.72 9.55 6.00
N CYS A 109 -22.52 10.01 6.32
CA CYS A 109 -21.37 9.70 5.51
C CYS A 109 -21.07 8.20 5.48
N LEU A 110 -21.16 7.54 6.62
CA LEU A 110 -20.91 6.11 6.69
C LEU A 110 -21.95 5.35 5.88
N LEU A 111 -23.20 5.72 6.05
CA LEU A 111 -24.29 5.04 5.36
C LEU A 111 -24.20 5.14 3.85
N ASN A 112 -23.76 6.29 3.34
CA ASN A 112 -23.62 6.45 1.90
C ASN A 112 -22.54 5.54 1.34
N MET A 113 -21.42 5.43 2.06
CA MET A 113 -20.39 4.50 1.64
C MET A 113 -20.88 3.06 1.66
N LEU A 114 -21.48 2.65 2.76
CA LEU A 114 -21.98 1.29 2.88
C LEU A 114 -23.11 0.97 1.89
N ASP A 115 -23.94 1.97 1.58
CA ASP A 115 -25.05 1.77 0.67
C ASP A 115 -24.47 1.39 -0.69
N LYS A 116 -23.41 2.08 -1.05
CA LYS A 116 -22.74 1.88 -2.31
C LYS A 116 -22.22 0.45 -2.43
N TRP A 117 -21.64 -0.04 -1.34
CA TRP A 117 -21.13 -1.40 -1.29
C TRP A 117 -22.27 -2.42 -1.29
N ALA A 118 -23.31 -2.14 -0.52
CA ALA A 118 -24.49 -2.99 -0.49
C ALA A 118 -25.13 -3.13 -1.89
N LYS A 119 -25.31 -2.01 -2.58
CA LYS A 119 -25.89 -1.98 -3.93
C LYS A 119 -25.16 -2.90 -4.88
N ALA A 120 -23.86 -3.03 -4.67
CA ALA A 120 -23.03 -3.82 -5.56
C ALA A 120 -22.90 -5.26 -5.10
N ASP A 121 -23.67 -5.66 -4.08
CA ASP A 121 -23.59 -7.00 -3.52
C ASP A 121 -22.14 -7.37 -3.18
N ALA A 122 -21.42 -6.43 -2.59
CA ALA A 122 -20.04 -6.67 -2.22
C ALA A 122 -19.94 -7.67 -1.06
N LEU A 123 -18.78 -8.31 -0.95
CA LEU A 123 -18.48 -9.23 0.15
C LEU A 123 -19.32 -10.50 0.11
N LEU A 124 -19.87 -10.81 -1.07
CA LEU A 124 -20.76 -11.95 -1.22
C LEU A 124 -20.27 -13.00 -2.21
N ASN A 125 -19.60 -12.56 -3.27
CA ASN A 125 -19.18 -13.47 -4.32
C ASN A 125 -17.69 -13.74 -4.28
N TYR A 126 -17.35 -14.94 -3.83
CA TYR A 126 -15.96 -15.32 -3.72
C TYR A 126 -15.83 -16.82 -3.49
N ASP A 127 -14.65 -17.32 -3.76
CA ASP A 127 -14.27 -18.68 -3.44
C ASP A 127 -13.99 -18.77 -1.94
N PRO A 128 -14.78 -19.57 -1.22
CA PRO A 128 -14.65 -19.78 0.22
C PRO A 128 -13.31 -20.36 0.60
N LYS A 129 -12.62 -20.94 -0.38
CA LYS A 129 -11.32 -21.55 -0.16
C LYS A 129 -10.18 -20.58 -0.38
N SER A 130 -10.50 -19.33 -0.66
CA SER A 130 -9.46 -18.36 -0.95
C SER A 130 -9.26 -17.36 0.18
N GLN A 131 -8.28 -16.49 -0.01
CA GLN A 131 -7.97 -15.46 0.95
C GLN A 131 -9.18 -14.54 1.15
N SER A 132 -9.99 -14.40 0.12
CA SER A 132 -11.18 -13.58 0.16
C SER A 132 -12.09 -13.91 1.35
N TRP A 133 -12.14 -15.18 1.71
CA TRP A 133 -12.98 -15.60 2.83
C TRP A 133 -12.63 -14.86 4.12
N TYR A 134 -11.33 -14.73 4.39
CA TYR A 134 -10.88 -14.00 5.56
C TYR A 134 -11.12 -12.50 5.43
N GLN A 135 -10.88 -11.93 4.25
CA GLN A 135 -11.08 -10.51 4.05
C GLN A 135 -12.51 -10.10 4.38
N VAL A 136 -13.47 -10.98 4.08
CA VAL A 136 -14.86 -10.67 4.34
C VAL A 136 -15.14 -10.53 5.84
N GLU A 137 -14.60 -11.44 6.64
CA GLU A 137 -14.84 -11.37 8.07
C GLU A 137 -14.31 -10.06 8.66
N TRP A 138 -13.16 -9.60 8.18
CA TRP A 138 -12.53 -8.39 8.70
C TRP A 138 -13.29 -7.12 8.30
N SER A 139 -13.66 -7.05 7.02
CA SER A 139 -14.31 -5.85 6.51
C SER A 139 -15.75 -5.73 6.96
N ALA A 140 -16.46 -6.85 7.01
CA ALA A 140 -17.86 -6.83 7.39
C ALA A 140 -17.98 -6.45 8.86
N ALA A 141 -17.12 -7.00 9.71
CA ALA A 141 -17.15 -6.71 11.12
C ALA A 141 -16.80 -5.25 11.37
N THR A 142 -15.82 -4.74 10.63
CA THR A 142 -15.37 -3.38 10.78
C THR A 142 -16.52 -2.43 10.51
N ALA A 143 -17.22 -2.67 9.40
CA ALA A 143 -18.34 -1.83 9.03
C ALA A 143 -19.49 -1.93 10.05
N ALA A 144 -19.70 -3.13 10.58
CA ALA A 144 -20.78 -3.37 11.53
C ALA A 144 -20.54 -2.68 12.88
N PHE A 145 -19.31 -2.71 13.35
CA PHE A 145 -18.96 -2.02 14.57
C PHE A 145 -19.32 -0.52 14.46
N ALA A 146 -18.93 0.09 13.35
CA ALA A 146 -19.14 1.52 13.15
C ALA A 146 -20.63 1.81 13.07
N LEU A 147 -21.35 1.00 12.30
CA LEU A 147 -22.77 1.16 12.13
C LEU A 147 -23.50 0.95 13.44
N SER A 148 -22.99 0.07 14.29
CA SER A 148 -23.69 -0.29 15.50
C SER A 148 -23.84 0.88 16.46
N THR A 149 -23.00 1.89 16.29
CA THR A 149 -23.02 3.02 17.19
C THR A 149 -24.11 4.02 16.80
N MET A 150 -24.68 3.85 15.62
CA MET A 150 -25.61 4.82 15.11
C MET A 150 -26.98 4.23 14.78
N MET A 151 -27.28 3.08 15.37
CA MET A 151 -28.53 2.40 15.12
C MET A 151 -29.71 3.17 15.72
N ALA A 152 -29.43 4.03 16.70
CA ALA A 152 -30.47 4.81 17.36
C ALA A 152 -30.62 6.22 16.78
N GLU A 153 -29.73 6.59 15.87
CA GLU A 153 -29.69 7.93 15.29
C GLU A 153 -30.90 8.19 14.39
N PRO A 154 -31.74 9.17 14.75
CA PRO A 154 -32.96 9.47 13.99
C PRO A 154 -32.72 10.28 12.71
N ASN A 155 -31.69 11.12 12.70
CA ASN A 155 -31.41 11.98 11.55
CA ASN A 155 -31.41 11.98 11.55
C ASN A 155 -30.55 11.33 10.49
N VAL A 156 -31.06 10.24 9.94
CA VAL A 156 -30.43 9.60 8.81
C VAL A 156 -31.57 9.10 7.94
N ASP A 157 -31.23 8.68 6.74
CA ASP A 157 -32.18 7.99 5.87
C ASP A 157 -32.41 6.59 6.44
N THR A 158 -33.56 6.37 7.08
CA THR A 158 -33.82 5.12 7.77
C THR A 158 -33.97 3.93 6.80
N ALA A 159 -34.41 4.20 5.58
CA ALA A 159 -34.52 3.16 4.57
C ALA A 159 -33.13 2.68 4.19
N GLN A 160 -32.22 3.63 4.05
CA GLN A 160 -30.84 3.33 3.74
C GLN A 160 -30.17 2.48 4.83
N ARG A 161 -30.34 2.87 6.09
CA ARG A 161 -29.77 2.11 7.19
C ARG A 161 -30.29 0.67 7.14
N GLU A 162 -31.59 0.52 6.93
CA GLU A 162 -32.21 -0.78 6.89
C GLU A 162 -31.63 -1.66 5.77
N ARG A 163 -31.54 -1.07 4.59
CA ARG A 163 -30.97 -1.72 3.42
C ARG A 163 -29.55 -2.19 3.72
N VAL A 164 -28.78 -1.34 4.40
CA VAL A 164 -27.41 -1.66 4.73
C VAL A 164 -27.32 -2.75 5.79
N VAL A 165 -28.19 -2.71 6.79
CA VAL A 165 -28.26 -3.74 7.81
C VAL A 165 -28.58 -5.10 7.19
N LYS A 166 -29.57 -5.15 6.30
CA LYS A 166 -29.92 -6.38 5.64
C LYS A 166 -28.75 -6.94 4.86
N TRP A 167 -28.04 -6.06 4.18
CA TRP A 167 -26.88 -6.48 3.43
C TRP A 167 -25.83 -7.16 4.32
N LEU A 168 -25.47 -6.53 5.43
CA LEU A 168 -24.48 -7.11 6.31
C LEU A 168 -24.95 -8.43 6.89
N ASN A 169 -26.26 -8.56 7.11
CA ASN A 169 -26.80 -9.83 7.59
C ASN A 169 -26.58 -10.94 6.57
N ARG A 170 -26.84 -10.66 5.29
CA ARG A 170 -26.57 -11.63 4.24
C ARG A 170 -25.11 -11.99 4.16
N VAL A 171 -24.25 -10.98 4.23
CA VAL A 171 -22.82 -11.19 4.20
C VAL A 171 -22.41 -12.18 5.28
N ALA A 172 -22.82 -11.92 6.52
CA ALA A 172 -22.40 -12.73 7.65
C ALA A 172 -22.95 -14.14 7.59
N ARG A 173 -24.22 -14.29 7.20
CA ARG A 173 -24.80 -15.62 7.10
C ARG A 173 -24.05 -16.45 6.06
N HIS A 174 -23.80 -15.87 4.90
CA HIS A 174 -23.05 -16.55 3.86
C HIS A 174 -21.64 -16.92 4.33
N GLN A 175 -20.93 -15.94 4.90
CA GLN A 175 -19.56 -16.13 5.34
C GLN A 175 -19.44 -17.22 6.42
N THR A 176 -20.37 -17.24 7.35
CA THR A 176 -20.33 -18.20 8.44
C THR A 176 -21.02 -19.52 8.11
N SER A 177 -21.46 -19.70 6.87
CA SER A 177 -22.11 -20.96 6.49
C SER A 177 -21.05 -22.00 6.14
N PHE A 178 -19.82 -21.54 5.96
CA PHE A 178 -18.72 -22.42 5.66
C PHE A 178 -17.97 -22.79 6.93
N PRO A 179 -17.85 -24.10 7.16
CA PRO A 179 -17.27 -24.71 8.36
C PRO A 179 -15.77 -24.45 8.54
N GLY A 180 -15.06 -24.20 7.46
CA GLY A 180 -13.61 -24.03 7.54
C GLY A 180 -12.92 -25.37 7.53
N GLY A 181 -11.60 -25.37 7.67
CA GLY A 181 -10.83 -26.59 7.56
C GLY A 181 -10.50 -27.25 8.88
N ASP A 182 -9.34 -27.89 8.91
CA ASP A 182 -8.89 -28.61 10.09
C ASP A 182 -8.38 -27.62 11.12
N THR A 183 -7.89 -26.50 10.64
CA THR A 183 -7.38 -25.45 11.50
C THR A 183 -8.37 -24.28 11.58
N SER A 184 -8.78 -23.77 10.42
CA SER A 184 -9.63 -22.58 10.35
C SER A 184 -11.03 -22.74 10.94
N CYS A 185 -11.45 -23.97 11.21
CA CYS A 185 -12.70 -24.25 11.88
C CYS A 185 -12.68 -23.74 13.30
N CYS A 186 -11.48 -23.64 13.85
CA CYS A 186 -11.34 -23.69 15.28
C CYS A 186 -10.24 -22.78 15.81
N ASN A 187 -9.49 -22.15 14.93
CA ASN A 187 -8.41 -21.27 15.35
C ASN A 187 -8.86 -19.81 15.42
N ASN A 188 -7.92 -18.87 15.38
CA ASN A 188 -8.27 -17.46 15.49
C ASN A 188 -9.27 -17.02 14.42
N ALA A 189 -9.21 -17.60 13.23
CA ALA A 189 -10.15 -17.30 12.18
C ALA A 189 -11.58 -17.57 12.64
N SER A 190 -11.78 -18.68 13.34
CA SER A 190 -13.08 -19.01 13.89
C SER A 190 -13.55 -17.90 14.82
N TYR A 191 -12.62 -17.34 15.60
CA TYR A 191 -12.99 -16.33 16.58
C TYR A 191 -13.33 -15.02 15.87
N TRP A 192 -12.62 -14.73 14.79
CA TRP A 192 -12.93 -13.57 13.96
C TRP A 192 -14.33 -13.67 13.34
N ARG A 193 -14.71 -14.87 12.91
CA ARG A 193 -16.06 -15.11 12.40
C ARG A 193 -17.05 -14.91 13.50
N GLY A 194 -16.67 -15.32 14.70
CA GLY A 194 -17.50 -15.14 15.86
C GLY A 194 -17.80 -13.67 16.10
N GLN A 195 -16.78 -12.82 16.07
CA GLN A 195 -17.05 -11.41 16.34
C GLN A 195 -17.94 -10.81 15.25
N GLU A 196 -17.69 -11.23 14.01
CA GLU A 196 -18.53 -10.83 12.88
C GLU A 196 -19.99 -11.21 13.07
N ALA A 197 -20.21 -12.47 13.45
CA ALA A 197 -21.56 -12.97 13.68
C ALA A 197 -22.23 -12.28 14.85
N THR A 198 -21.45 -11.98 15.89
CA THR A 198 -22.01 -11.40 17.09
C THR A 198 -22.50 -9.96 16.89
N ILE A 199 -21.65 -9.11 16.34
CA ILE A 199 -22.02 -7.72 16.13
C ILE A 199 -23.09 -7.55 15.05
N ILE A 200 -23.04 -8.36 14.01
CA ILE A 200 -24.04 -8.28 12.96
C ILE A 200 -25.38 -8.87 13.42
N GLY A 201 -25.32 -9.92 14.22
CA GLY A 201 -26.52 -10.48 14.81
C GLY A 201 -27.23 -9.48 15.69
N VAL A 202 -26.45 -8.69 16.43
CA VAL A 202 -27.02 -7.64 17.26
C VAL A 202 -27.74 -6.56 16.45
N ILE A 203 -27.06 -5.99 15.46
CA ILE A 203 -27.66 -4.90 14.72
C ILE A 203 -28.80 -5.33 13.80
N SER A 204 -28.81 -6.60 13.40
CA SER A 204 -29.87 -7.10 12.53
C SER A 204 -30.93 -7.87 13.32
N LYS A 205 -30.77 -7.88 14.65
CA LYS A 205 -31.66 -8.62 15.51
C LYS A 205 -31.84 -10.05 15.02
N ASP A 206 -30.71 -10.68 14.73
CA ASP A 206 -30.70 -12.05 14.25
C ASP A 206 -30.17 -12.93 15.37
N ASP A 207 -31.08 -13.52 16.14
CA ASP A 207 -30.71 -14.32 17.29
C ASP A 207 -29.84 -15.51 16.91
N GLU A 208 -30.18 -16.16 15.81
CA GLU A 208 -29.41 -17.31 15.38
C GLU A 208 -27.92 -16.97 15.14
N LEU A 209 -27.68 -15.86 14.44
CA LEU A 209 -26.34 -15.35 14.18
C LEU A 209 -25.63 -14.99 15.48
N PHE A 210 -26.38 -14.36 16.39
CA PHE A 210 -25.85 -13.95 17.67
C PHE A 210 -25.34 -15.16 18.44
N ARG A 211 -26.17 -16.20 18.52
CA ARG A 211 -25.81 -17.39 19.26
C ARG A 211 -24.60 -18.06 18.67
N TRP A 212 -24.58 -18.19 17.35
CA TRP A 212 -23.44 -18.78 16.67
C TRP A 212 -22.16 -18.05 17.06
N GLY A 213 -22.24 -16.72 17.17
CA GLY A 213 -21.09 -15.93 17.56
C GLY A 213 -20.61 -16.23 18.95
N LEU A 214 -21.54 -16.27 19.89
CA LEU A 214 -21.19 -16.60 21.25
C LEU A 214 -20.56 -17.99 21.33
N GLY A 215 -21.06 -18.91 20.51
CA GLY A 215 -20.53 -20.25 20.44
C GLY A 215 -19.05 -20.31 20.13
N ARG A 216 -18.55 -19.35 19.35
CA ARG A 216 -17.15 -19.36 18.96
C ARG A 216 -16.26 -19.00 20.15
N TYR A 217 -16.76 -18.18 21.06
CA TYR A 217 -16.03 -17.84 22.26
C TYR A 217 -15.91 -19.06 23.14
N VAL A 218 -17.00 -19.81 23.21
CA VAL A 218 -17.05 -21.02 24.00
C VAL A 218 -16.05 -22.05 23.44
N GLN A 219 -16.06 -22.21 22.13
CA GLN A 219 -15.12 -23.09 21.46
C GLN A 219 -13.69 -22.74 21.85
N ALA A 220 -13.36 -21.45 21.86
CA ALA A 220 -12.01 -20.99 22.17
C ALA A 220 -11.56 -21.36 23.59
N MET A 221 -12.45 -21.18 24.56
CA MET A 221 -12.10 -21.47 25.94
C MET A 221 -11.68 -22.91 26.15
N GLY A 222 -12.26 -23.82 25.37
CA GLY A 222 -11.90 -25.22 25.44
C GLY A 222 -10.62 -25.55 24.69
N LEU A 223 -9.98 -24.54 24.11
CA LEU A 223 -8.78 -24.74 23.35
C LEU A 223 -7.59 -24.02 23.96
N ILE A 224 -7.71 -23.78 25.26
CA ILE A 224 -6.63 -23.17 26.00
C ILE A 224 -5.89 -24.23 26.80
N ASN A 225 -4.57 -24.29 26.58
CA ASN A 225 -3.70 -25.14 27.36
C ASN A 225 -3.60 -24.63 28.78
N GLU A 226 -3.07 -25.46 29.67
CA GLU A 226 -2.98 -25.11 31.07
C GLU A 226 -2.11 -23.87 31.31
N ASP A 227 -1.14 -23.62 30.44
CA ASP A 227 -0.31 -22.44 30.57
C ASP A 227 -1.01 -21.19 30.03
N GLY A 228 -2.15 -21.39 29.39
CA GLY A 228 -2.93 -20.28 28.87
C GLY A 228 -2.75 -20.08 27.39
N SER A 229 -2.00 -20.97 26.76
CA SER A 229 -1.74 -20.87 25.35
C SER A 229 -2.87 -21.47 24.52
N PHE A 230 -3.17 -20.85 23.38
CA PHE A 230 -4.16 -21.39 22.46
C PHE A 230 -3.52 -22.51 21.65
N VAL A 231 -4.19 -23.65 21.64
CA VAL A 231 -3.72 -24.83 20.96
C VAL A 231 -3.30 -24.57 19.50
N HIS A 232 -4.18 -23.97 18.70
CA HIS A 232 -3.93 -23.84 17.27
C HIS A 232 -2.94 -22.74 16.92
N GLU A 233 -2.83 -21.72 17.77
CA GLU A 233 -1.94 -20.63 17.48
C GLU A 233 -0.49 -21.02 17.76
N MET A 234 -0.30 -22.04 18.59
CA MET A 234 1.03 -22.50 18.95
C MET A 234 1.68 -23.37 17.87
N THR A 235 1.03 -23.48 16.71
CA THR A 235 1.56 -24.25 15.62
C THR A 235 2.02 -23.35 14.47
N ARG A 236 2.09 -22.05 14.71
CA ARG A 236 2.37 -21.10 13.64
C ARG A 236 3.84 -20.71 13.57
N HIS A 237 4.69 -21.49 14.21
CA HIS A 237 6.14 -21.28 14.14
C HIS A 237 6.57 -19.91 14.66
N GLU A 238 7.15 -19.10 13.77
CA GLU A 238 7.67 -17.80 14.18
C GLU A 238 6.58 -16.75 14.41
N GLN A 239 5.35 -17.05 13.97
CA GLN A 239 4.18 -16.19 14.18
C GLN A 239 3.32 -16.69 15.34
N SER A 240 3.85 -17.64 16.09
CA SER A 240 3.08 -18.27 17.16
C SER A 240 2.60 -17.26 18.22
N LEU A 241 3.53 -16.49 18.76
CA LEU A 241 3.18 -15.51 19.79
C LEU A 241 2.30 -14.41 19.23
N HIS A 242 2.60 -14.03 17.99
CA HIS A 242 1.76 -13.11 17.25
C HIS A 242 0.30 -13.56 17.20
N TYR A 243 0.07 -14.81 16.83
CA TYR A 243 -1.30 -15.30 16.65
C TYR A 243 -2.01 -15.59 17.96
N GLN A 244 -1.24 -15.84 19.01
CA GLN A 244 -1.78 -15.94 20.35
C GLN A 244 -2.40 -14.59 20.72
N ASN A 245 -1.67 -13.52 20.48
CA ASN A 245 -2.19 -12.19 20.73
C ASN A 245 -3.36 -11.89 19.80
N TYR A 246 -3.19 -12.24 18.54
CA TYR A 246 -4.17 -11.97 17.51
C TYR A 246 -5.53 -12.57 17.86
N ALA A 247 -5.52 -13.74 18.48
CA ALA A 247 -6.75 -14.39 18.95
C ALA A 247 -7.49 -13.54 19.99
N MET A 248 -6.74 -12.79 20.79
CA MET A 248 -7.34 -11.98 21.85
C MET A 248 -8.28 -10.91 21.31
N LEU A 249 -8.00 -10.43 20.10
CA LEU A 249 -8.74 -9.34 19.52
C LEU A 249 -10.23 -9.61 19.34
N PRO A 250 -10.58 -10.66 18.56
CA PRO A 250 -12.02 -10.86 18.41
C PRO A 250 -12.71 -11.45 19.65
N LEU A 251 -12.00 -12.28 20.41
CA LEU A 251 -12.55 -12.84 21.62
C LEU A 251 -13.00 -11.73 22.58
N THR A 252 -12.15 -10.73 22.72
CA THR A 252 -12.47 -9.56 23.51
C THR A 252 -13.74 -8.86 23.00
N MET A 253 -13.84 -8.62 21.69
CA MET A 253 -14.99 -7.92 21.15
C MET A 253 -16.29 -8.70 21.27
N ILE A 254 -16.22 -10.02 21.16
CA ILE A 254 -17.40 -10.83 21.39
C ILE A 254 -17.84 -10.60 22.84
N ALA A 255 -16.91 -10.68 23.77
CA ALA A 255 -17.18 -10.43 25.17
C ALA A 255 -17.77 -9.05 25.45
N GLU A 256 -17.18 -8.02 24.86
CA GLU A 256 -17.65 -6.66 25.06
C GLU A 256 -19.05 -6.47 24.49
N THR A 257 -19.28 -6.98 23.29
CA THR A 257 -20.55 -6.88 22.63
C THR A 257 -21.66 -7.62 23.41
N ALA A 258 -21.34 -8.84 23.85
CA ALA A 258 -22.27 -9.66 24.59
C ALA A 258 -22.62 -9.04 25.94
N SER A 259 -21.67 -8.31 26.53
CA SER A 259 -21.92 -7.72 27.83
C SER A 259 -23.02 -6.68 27.73
N ARG A 260 -23.13 -6.04 26.57
CA ARG A 260 -24.20 -5.07 26.34
C ARG A 260 -25.56 -5.74 26.18
N GLN A 261 -25.58 -7.06 26.00
CA GLN A 261 -26.82 -7.80 25.88
C GLN A 261 -27.09 -8.59 27.18
N GLY A 262 -26.37 -8.24 28.24
CA GLY A 262 -26.56 -8.85 29.54
C GLY A 262 -25.85 -10.17 29.77
N ILE A 263 -24.93 -10.51 28.89
CA ILE A 263 -24.18 -11.75 29.01
C ILE A 263 -22.74 -11.50 29.41
N ASP A 264 -22.26 -12.25 30.40
CA ASP A 264 -20.89 -12.10 30.88
C ASP A 264 -20.01 -13.25 30.40
N LEU A 265 -19.47 -13.13 29.19
CA LEU A 265 -18.58 -14.14 28.62
C LEU A 265 -17.23 -14.24 29.33
N TYR A 266 -16.74 -13.13 29.86
CA TYR A 266 -15.48 -13.13 30.55
C TYR A 266 -15.48 -14.15 31.70
N ALA A 267 -16.64 -14.33 32.32
CA ALA A 267 -16.79 -15.25 33.43
C ALA A 267 -16.83 -16.70 32.99
N TYR A 268 -16.99 -16.94 31.69
CA TYR A 268 -17.12 -18.31 31.21
C TYR A 268 -15.80 -19.03 31.21
N LYS A 269 -15.78 -20.23 31.77
CA LYS A 269 -14.56 -21.03 31.75
C LYS A 269 -14.77 -22.49 31.43
N GLU A 270 -13.69 -23.12 30.99
CA GLU A 270 -13.65 -24.54 30.67
C GLU A 270 -12.43 -25.14 31.35
N ASN A 271 -12.68 -26.09 32.25
CA ASN A 271 -11.66 -26.69 33.11
C ASN A 271 -10.83 -25.67 33.90
N GLY A 272 -11.48 -24.62 34.38
CA GLY A 272 -10.79 -23.62 35.16
C GLY A 272 -9.89 -22.72 34.34
N ARG A 273 -9.97 -22.82 33.03
CA ARG A 273 -9.23 -21.95 32.13
C ARG A 273 -10.19 -20.96 31.48
N ASP A 274 -9.77 -19.70 31.39
CA ASP A 274 -10.60 -18.67 30.80
C ASP A 274 -9.73 -17.67 30.04
N ILE A 275 -10.35 -16.61 29.52
CA ILE A 275 -9.63 -15.67 28.70
C ILE A 275 -8.53 -14.97 29.49
N HIS A 276 -8.67 -14.96 30.81
CA HIS A 276 -7.67 -14.38 31.69
C HIS A 276 -6.37 -15.17 31.64
N SER A 277 -6.49 -16.49 31.54
CA SER A 277 -5.33 -17.35 31.39
C SER A 277 -4.56 -16.98 30.12
N ALA A 278 -5.29 -16.73 29.05
CA ALA A 278 -4.69 -16.39 27.77
C ALA A 278 -3.98 -15.04 27.83
N ARG A 279 -4.61 -14.06 28.48
CA ARG A 279 -3.98 -12.76 28.68
C ARG A 279 -2.66 -12.89 29.41
N LYS A 280 -2.69 -13.57 30.55
CA LYS A 280 -1.50 -13.76 31.37
C LYS A 280 -0.38 -14.40 30.56
N PHE A 281 -0.73 -15.36 29.73
CA PHE A 281 0.26 -15.99 28.87
C PHE A 281 0.90 -15.03 27.89
N VAL A 282 0.10 -14.17 27.26
CA VAL A 282 0.65 -13.21 26.31
C VAL A 282 1.62 -12.28 27.01
N PHE A 283 1.22 -11.78 28.18
CA PHE A 283 2.07 -10.86 28.92
C PHE A 283 3.35 -11.57 29.32
N ALA A 284 3.21 -12.79 29.81
CA ALA A 284 4.34 -13.55 30.31
C ALA A 284 5.30 -13.95 29.19
N ALA A 285 4.77 -14.28 28.03
CA ALA A 285 5.60 -14.73 26.93
C ALA A 285 6.34 -13.59 26.26
N VAL A 286 5.79 -12.39 26.36
CA VAL A 286 6.43 -11.23 25.75
C VAL A 286 7.66 -10.87 26.56
N LYS A 287 7.56 -11.06 27.85
CA LYS A 287 8.68 -10.89 28.72
C LYS A 287 9.70 -12.01 28.50
N ASN A 288 9.20 -13.23 28.50
CA ASN A 288 10.07 -14.39 28.45
C ASN A 288 9.68 -15.35 27.34
N PRO A 289 10.27 -15.15 26.15
CA PRO A 289 9.95 -15.95 24.98
C PRO A 289 10.57 -17.35 25.00
N ASP A 290 11.08 -17.78 26.15
CA ASP A 290 11.44 -19.19 26.30
C ASP A 290 10.17 -19.98 26.56
N LEU A 291 9.13 -19.28 27.01
CA LEU A 291 7.84 -19.91 27.22
C LEU A 291 7.33 -20.50 25.91
N ILE A 292 7.66 -19.85 24.80
CA ILE A 292 7.22 -20.32 23.50
C ILE A 292 8.03 -21.49 22.97
N LYS A 293 9.33 -21.53 23.26
CA LYS A 293 10.19 -22.62 22.83
C LYS A 293 9.59 -24.02 23.04
N LYS A 294 8.78 -24.15 24.09
CA LYS A 294 8.06 -25.39 24.37
C LYS A 294 7.15 -25.76 23.20
N TYR A 295 6.81 -24.78 22.37
CA TYR A 295 5.89 -25.00 21.27
C TYR A 295 6.53 -24.78 19.91
N ALA A 296 7.46 -23.84 19.84
CA ALA A 296 8.06 -23.45 18.59
C ALA A 296 9.50 -23.03 18.81
N SER A 297 10.36 -23.45 17.89
CA SER A 297 11.79 -23.25 18.01
C SER A 297 12.25 -21.94 17.38
N GLU A 298 11.58 -21.52 16.31
CA GLU A 298 11.93 -20.28 15.64
C GLU A 298 11.80 -19.10 16.59
N PRO A 299 12.70 -18.12 16.45
CA PRO A 299 12.56 -16.90 17.22
C PRO A 299 11.30 -16.20 16.77
N GLN A 300 10.59 -15.59 17.70
CA GLN A 300 9.27 -15.04 17.41
C GLN A 300 9.30 -13.66 16.78
N ASP A 301 8.46 -13.47 15.77
CA ASP A 301 8.16 -12.16 15.23
C ASP A 301 7.38 -11.39 16.30
N THR A 302 7.92 -10.27 16.76
CA THR A 302 7.32 -9.51 17.85
C THR A 302 6.88 -8.12 17.40
N ARG A 303 6.56 -8.00 16.12
CA ARG A 303 6.20 -6.72 15.54
C ARG A 303 4.91 -6.16 16.13
N ALA A 304 4.04 -7.04 16.63
CA ALA A 304 2.78 -6.59 17.18
C ALA A 304 2.93 -5.96 18.56
N PHE A 305 4.06 -6.21 19.22
CA PHE A 305 4.23 -5.78 20.59
C PHE A 305 5.07 -4.51 20.72
N LYS A 306 4.51 -3.45 20.15
CA LYS A 306 5.10 -2.14 20.12
C LYS A 306 3.99 -1.14 20.39
N PRO A 307 4.31 -0.05 21.09
CA PRO A 307 3.28 0.94 21.37
C PRO A 307 2.66 1.44 20.07
N GLY A 308 1.34 1.61 20.06
CA GLY A 308 0.66 2.15 18.90
C GLY A 308 0.18 1.09 17.93
N ARG A 309 0.57 -0.15 18.15
CA ARG A 309 0.14 -1.21 17.25
C ARG A 309 -1.36 -1.50 17.46
N GLY A 310 -2.10 -1.60 16.36
CA GLY A 310 -3.50 -1.97 16.42
C GLY A 310 -3.71 -3.26 17.18
N ASP A 311 -2.74 -4.16 17.07
CA ASP A 311 -2.80 -5.48 17.69
C ASP A 311 -3.07 -5.45 19.20
N LEU A 312 -2.84 -4.32 19.85
CA LEU A 312 -2.98 -4.22 21.29
C LEU A 312 -4.32 -3.64 21.73
N ASN A 313 -5.19 -3.34 20.78
CA ASN A 313 -6.47 -2.71 21.05
C ASN A 313 -7.28 -3.46 22.11
N TRP A 314 -7.17 -4.78 22.15
CA TRP A 314 -7.96 -5.55 23.09
C TRP A 314 -7.62 -5.21 24.53
N ILE A 315 -6.40 -4.73 24.75
CA ILE A 315 -5.94 -4.39 26.08
C ILE A 315 -6.71 -3.20 26.64
N GLU A 316 -7.01 -2.22 25.80
CA GLU A 316 -7.79 -1.07 26.24
C GLU A 316 -9.12 -1.52 26.82
N TYR A 317 -9.84 -2.38 26.10
CA TYR A 317 -11.13 -2.85 26.56
C TYR A 317 -11.04 -3.67 27.85
N GLN A 318 -10.09 -4.61 27.89
CA GLN A 318 -10.00 -5.49 29.04
C GLN A 318 -9.54 -4.74 30.28
N ARG A 319 -8.55 -3.86 30.12
CA ARG A 319 -8.04 -3.15 31.25
C ARG A 319 -9.04 -2.17 31.85
N ALA A 320 -9.84 -1.54 31.00
CA ALA A 320 -10.88 -0.64 31.44
C ALA A 320 -11.86 -1.38 32.34
N ARG A 321 -12.05 -2.65 32.03
CA ARG A 321 -13.03 -3.48 32.70
C ARG A 321 -12.47 -4.12 33.96
N PHE A 322 -11.21 -4.56 33.91
CA PHE A 322 -10.66 -5.37 34.98
C PHE A 322 -9.58 -4.68 35.80
N GLY A 323 -9.03 -3.60 35.28
CA GLY A 323 -8.13 -2.77 36.03
C GLY A 323 -6.74 -3.31 36.22
N PHE A 324 -6.36 -4.34 35.48
CA PHE A 324 -5.03 -4.90 35.63
C PHE A 324 -3.93 -3.92 35.23
N ALA A 325 -2.70 -4.25 35.60
CA ALA A 325 -1.56 -3.39 35.34
C ALA A 325 -1.07 -3.54 33.92
N ASP A 326 -0.56 -2.44 33.35
CA ASP A 326 0.13 -2.49 32.08
C ASP A 326 1.58 -2.94 32.29
N GLU A 327 1.76 -4.24 32.45
CA GLU A 327 3.07 -4.83 32.76
C GLU A 327 4.14 -4.55 31.71
N LEU A 328 3.75 -4.59 30.44
CA LEU A 328 4.69 -4.36 29.35
C LEU A 328 4.98 -2.88 29.11
N GLY A 329 4.12 -2.02 29.64
CA GLY A 329 4.25 -0.60 29.39
C GLY A 329 4.04 -0.26 27.92
N PHE A 330 3.00 -0.82 27.33
CA PHE A 330 2.70 -0.61 25.94
C PHE A 330 1.63 0.45 25.73
N MET A 331 0.88 0.73 26.79
CA MET A 331 -0.27 1.58 26.71
C MET A 331 0.11 3.04 26.88
N THR A 332 0.98 3.52 25.99
CA THR A 332 1.47 4.87 26.08
C THR A 332 0.81 5.77 25.03
N VAL A 333 1.07 5.51 23.76
CA VAL A 333 0.35 6.22 22.73
C VAL A 333 -1.03 5.58 22.53
N PRO A 334 -1.96 6.31 21.90
CA PRO A 334 -3.28 5.75 21.63
C PRO A 334 -3.23 4.60 20.64
N ILE A 335 -4.24 3.75 20.67
CA ILE A 335 -4.32 2.61 19.80
C ILE A 335 -5.55 2.67 18.92
N PHE A 336 -5.36 2.32 17.66
CA PHE A 336 -6.44 2.38 16.68
C PHE A 336 -6.45 1.10 15.86
N ASP A 337 -7.58 0.39 15.88
CA ASP A 337 -7.74 -0.81 15.05
C ASP A 337 -9.17 -0.90 14.54
N PRO A 338 -9.36 -0.65 13.25
CA PRO A 338 -10.68 -0.64 12.61
C PRO A 338 -11.44 -1.94 12.89
N ARG A 339 -10.71 -3.03 12.86
CA ARG A 339 -11.26 -4.37 12.96
C ARG A 339 -11.78 -4.71 14.35
N THR A 340 -11.37 -3.94 15.34
CA THR A 340 -11.95 -4.04 16.66
C THR A 340 -12.59 -2.72 17.10
N GLY A 341 -13.24 -2.06 16.16
CA GLY A 341 -14.09 -0.92 16.46
C GLY A 341 -13.38 0.40 16.55
N GLY A 342 -12.19 0.48 15.96
CA GLY A 342 -11.43 1.70 15.94
C GLY A 342 -10.54 1.94 17.14
N SER A 343 -10.67 3.10 17.77
CA SER A 343 -9.79 3.47 18.86
C SER A 343 -10.31 3.06 20.23
N ALA A 344 -9.77 2.00 20.79
CA ALA A 344 -10.24 1.56 22.09
C ALA A 344 -9.73 2.50 23.18
N THR A 345 -8.68 3.25 22.86
CA THR A 345 -8.26 4.32 23.74
C THR A 345 -9.41 5.32 23.86
N LEU A 346 -9.88 5.79 22.71
CA LEU A 346 -10.99 6.73 22.63
C LEU A 346 -12.26 6.20 23.31
N LEU A 347 -12.52 4.92 23.14
CA LEU A 347 -13.82 4.38 23.50
C LEU A 347 -13.89 3.71 24.87
N ALA A 348 -12.74 3.32 25.42
CA ALA A 348 -12.73 2.53 26.64
C ALA A 348 -11.82 3.07 27.75
N TYR A 349 -10.70 3.67 27.38
CA TYR A 349 -9.70 4.07 28.35
C TYR A 349 -10.18 5.11 29.36
N LYS A 350 -9.94 4.79 30.63
CA LYS A 350 -10.26 5.65 31.75
C LYS A 350 -8.98 6.06 32.45
N PRO A 351 -8.67 7.35 32.44
CA PRO A 351 -7.57 7.92 33.21
C PRO A 351 -7.72 7.58 34.69
N GLN A 352 -6.64 7.09 35.31
CA GLN A 352 -6.66 6.59 36.69
C GLN A 352 -6.07 7.58 37.68
N GLY A 353 -6.90 8.00 38.62
CA GLY A 353 -6.55 9.06 39.54
C GLY A 353 -5.81 8.62 40.78
N GLY B 1 26.64 29.53 -19.82
CA GLY B 1 25.72 30.44 -20.45
C GLY B 1 24.37 30.56 -19.75
N SER B 2 23.36 29.99 -20.37
CA SER B 2 21.97 30.14 -19.96
C SER B 2 21.54 29.21 -18.82
N HIS B 3 22.40 28.25 -18.47
CA HIS B 3 22.22 27.50 -17.23
C HIS B 3 23.57 26.98 -16.70
N PRO B 4 23.66 26.75 -15.39
CA PRO B 4 24.90 26.40 -14.68
C PRO B 4 25.61 25.13 -15.14
N PHE B 5 24.95 24.30 -15.94
CA PHE B 5 25.56 23.04 -16.34
C PHE B 5 25.75 23.02 -17.84
N ASP B 6 25.79 24.18 -18.46
CA ASP B 6 25.90 24.22 -19.90
C ASP B 6 27.32 24.02 -20.43
N GLN B 7 28.25 23.69 -19.54
CA GLN B 7 29.58 23.32 -19.97
C GLN B 7 29.87 21.88 -19.65
N ALA B 8 28.92 21.22 -19.00
CA ALA B 8 29.10 19.86 -18.52
C ALA B 8 29.33 18.88 -19.66
N VAL B 9 30.14 17.86 -19.39
CA VAL B 9 30.40 16.86 -20.41
C VAL B 9 30.13 15.45 -19.90
N VAL B 10 30.00 14.51 -20.83
CA VAL B 10 29.92 13.11 -20.48
C VAL B 10 31.33 12.58 -20.22
N LYS B 11 31.58 12.15 -18.98
CA LYS B 11 32.89 11.63 -18.63
C LYS B 11 32.99 10.14 -18.98
N ASP B 12 31.89 9.42 -18.78
CA ASP B 12 31.89 7.96 -18.90
C ASP B 12 30.54 7.46 -19.39
N PRO B 13 30.48 7.12 -20.68
CA PRO B 13 29.28 6.60 -21.36
C PRO B 13 28.86 5.25 -20.81
N THR B 14 29.70 4.59 -20.01
CA THR B 14 29.35 3.31 -19.46
C THR B 14 28.84 3.40 -18.02
N ALA B 15 28.86 4.59 -17.44
CA ALA B 15 28.53 4.74 -16.02
C ALA B 15 27.08 4.41 -15.64
N SER B 16 26.18 4.36 -16.62
CA SER B 16 24.78 4.05 -16.40
C SER B 16 24.14 4.95 -15.35
N TYR B 17 23.06 4.48 -14.72
CA TYR B 17 22.35 5.25 -13.72
C TYR B 17 22.47 4.65 -12.32
N VAL B 18 23.26 3.58 -12.25
CA VAL B 18 23.64 2.95 -11.01
C VAL B 18 25.02 2.37 -11.23
N ASP B 19 25.70 2.05 -10.14
CA ASP B 19 26.97 1.36 -10.21
C ASP B 19 26.64 -0.11 -10.44
N VAL B 20 26.66 -0.50 -11.71
CA VAL B 20 26.22 -1.82 -12.09
C VAL B 20 26.99 -2.91 -11.34
N LYS B 21 28.31 -2.83 -11.40
CA LYS B 21 29.14 -3.84 -10.81
C LYS B 21 29.04 -3.93 -9.29
N ALA B 22 29.00 -2.78 -8.63
CA ALA B 22 28.87 -2.79 -7.19
C ALA B 22 27.54 -3.41 -6.78
N ARG B 23 26.48 -3.05 -7.48
CA ARG B 23 25.14 -3.52 -7.12
C ARG B 23 24.96 -5.02 -7.37
N ARG B 24 25.50 -5.50 -8.48
CA ARG B 24 25.48 -6.92 -8.79
C ARG B 24 26.18 -7.66 -7.65
N THR B 25 27.35 -7.18 -7.28
CA THR B 25 28.15 -7.77 -6.22
C THR B 25 27.33 -7.85 -4.93
N PHE B 26 26.68 -6.75 -4.59
CA PHE B 26 25.80 -6.76 -3.43
C PHE B 26 24.67 -7.78 -3.53
N LEU B 27 24.06 -7.90 -4.71
CA LEU B 27 22.94 -8.81 -4.90
C LEU B 27 23.34 -10.27 -4.86
N GLN B 28 24.59 -10.56 -5.18
CA GLN B 28 25.08 -11.94 -5.19
C GLN B 28 25.74 -12.33 -3.88
N SER B 29 26.20 -11.33 -3.14
CA SER B 29 26.84 -11.59 -1.86
C SER B 29 25.76 -11.41 -0.83
N GLY B 30 24.90 -12.43 -0.76
CA GLY B 30 23.51 -12.33 -0.36
C GLY B 30 23.11 -12.20 1.10
N GLN B 31 23.20 -10.98 1.64
CA GLN B 31 22.42 -10.69 2.84
C GLN B 31 21.26 -9.77 2.47
N LEU B 32 20.29 -10.41 1.86
CA LEU B 32 19.10 -9.77 1.35
C LEU B 32 17.97 -10.02 2.32
N ASP B 33 17.08 -9.06 2.47
CA ASP B 33 15.87 -9.29 3.25
C ASP B 33 14.77 -9.82 2.33
N ASP B 34 13.59 -10.06 2.86
CA ASP B 34 12.52 -10.68 2.08
C ASP B 34 12.11 -9.83 0.88
N ARG B 35 12.08 -8.53 1.07
CA ARG B 35 11.61 -7.62 0.05
C ARG B 35 12.56 -7.58 -1.16
N LEU B 36 13.86 -7.59 -0.90
CA LEU B 36 14.85 -7.62 -1.96
C LEU B 36 14.81 -8.97 -2.66
N LYS B 37 14.64 -10.04 -1.89
CA LYS B 37 14.51 -11.37 -2.49
C LYS B 37 13.33 -11.39 -3.44
N ALA B 38 12.22 -10.80 -3.01
CA ALA B 38 11.02 -10.74 -3.83
C ALA B 38 11.25 -9.97 -5.12
N ALA B 39 12.26 -9.10 -5.14
CA ALA B 39 12.50 -8.24 -6.29
C ALA B 39 13.41 -8.89 -7.34
N LEU B 40 14.05 -9.99 -6.97
CA LEU B 40 14.90 -10.72 -7.90
C LEU B 40 14.08 -11.19 -9.10
N PRO B 41 14.48 -10.74 -10.29
CA PRO B 41 13.77 -11.09 -11.52
C PRO B 41 14.04 -12.53 -11.90
N LYS B 42 13.06 -13.21 -12.49
CA LYS B 42 13.23 -14.61 -12.78
C LYS B 42 13.87 -14.83 -14.14
N GLU B 43 14.88 -15.70 -14.16
CA GLU B 43 15.60 -15.99 -15.39
C GLU B 43 14.72 -16.75 -16.37
N TYR B 44 14.96 -16.52 -17.66
CA TYR B 44 14.22 -17.20 -18.69
C TYR B 44 15.02 -17.18 -19.99
N ASP B 45 14.71 -18.08 -20.90
CA ASP B 45 15.42 -18.14 -22.16
C ASP B 45 14.86 -17.07 -23.09
N CYS B 46 15.53 -15.92 -23.09
CA CYS B 46 15.07 -14.79 -23.86
C CYS B 46 15.33 -14.99 -25.35
N THR B 47 16.24 -15.91 -25.69
CA THR B 47 16.56 -16.17 -27.08
C THR B 47 15.40 -16.74 -27.88
N THR B 48 14.45 -17.38 -27.19
CA THR B 48 13.30 -17.98 -27.86
C THR B 48 12.05 -17.11 -27.76
N GLU B 49 12.14 -16.02 -27.03
CA GLU B 49 11.01 -15.12 -26.83
C GLU B 49 10.68 -14.37 -28.12
N ALA B 50 9.39 -14.23 -28.40
CA ALA B 50 8.94 -13.34 -29.47
C ALA B 50 8.79 -11.94 -28.90
N THR B 51 9.46 -10.97 -29.52
CA THR B 51 9.41 -9.59 -29.07
C THR B 51 8.54 -8.76 -30.01
N PRO B 52 7.98 -7.66 -29.49
CA PRO B 52 7.08 -6.87 -30.33
C PRO B 52 7.76 -6.33 -31.57
N ASN B 53 7.08 -6.44 -32.70
CA ASN B 53 7.54 -5.78 -33.90
C ASN B 53 7.09 -4.32 -33.90
N PRO B 54 7.96 -3.43 -34.39
CA PRO B 54 7.69 -2.00 -34.47
C PRO B 54 6.63 -1.69 -35.50
N GLN B 55 5.84 -0.66 -35.25
CA GLN B 55 4.92 -0.14 -36.23
C GLN B 55 5.73 0.27 -37.44
N GLN B 56 5.27 -0.12 -38.63
CA GLN B 56 5.89 0.38 -39.84
C GLN B 56 5.19 1.67 -40.25
N GLY B 57 5.93 2.57 -40.88
CA GLY B 57 5.37 3.81 -41.32
C GLY B 57 5.21 4.80 -40.19
N GLU B 58 4.04 5.41 -40.13
CA GLU B 58 3.85 6.49 -39.19
C GLU B 58 3.31 6.01 -37.85
N MET B 59 3.89 6.55 -36.79
CA MET B 59 3.50 6.25 -35.44
C MET B 59 2.22 7.02 -35.16
N VAL B 60 1.12 6.28 -34.99
CA VAL B 60 -0.15 6.91 -34.76
C VAL B 60 -0.76 6.30 -33.51
N ILE B 61 -1.03 7.13 -32.52
CA ILE B 61 -1.56 6.60 -31.30
C ILE B 61 -2.65 7.55 -30.90
N PRO B 62 -3.86 7.03 -30.68
CA PRO B 62 -4.90 7.78 -30.00
C PRO B 62 -4.37 8.42 -28.71
N ASP B 76 -8.55 -2.32 -31.52
CA ASP B 76 -7.81 -1.38 -32.36
C ASP B 76 -6.80 -0.56 -31.54
N TYR B 77 -7.26 -0.02 -30.42
CA TYR B 77 -6.44 0.77 -29.50
C TYR B 77 -5.51 -0.14 -28.67
N GLU B 78 -6.13 -1.03 -27.91
CA GLU B 78 -5.42 -2.00 -27.09
C GLU B 78 -4.19 -2.61 -27.78
N PRO B 79 -4.37 -3.24 -28.96
CA PRO B 79 -3.20 -3.86 -29.60
C PRO B 79 -2.03 -2.91 -29.82
N VAL B 80 -2.31 -1.65 -30.14
CA VAL B 80 -1.23 -0.71 -30.39
C VAL B 80 -0.55 -0.24 -29.10
N VAL B 81 -1.30 0.26 -28.13
CA VAL B 81 -0.65 0.69 -26.91
C VAL B 81 0.05 -0.46 -26.16
N THR B 82 -0.57 -1.63 -26.15
CA THR B 82 0.01 -2.84 -25.57
C THR B 82 1.40 -3.00 -26.14
N LEU B 83 1.55 -2.48 -27.34
CA LEU B 83 2.77 -2.70 -28.09
C LEU B 83 3.93 -1.98 -27.44
N TYR B 84 3.76 -0.69 -27.15
CA TYR B 84 4.82 0.09 -26.56
C TYR B 84 5.07 -0.35 -25.12
N ARG B 85 3.98 -0.70 -24.45
CA ARG B 85 4.03 -1.18 -23.07
C ARG B 85 4.83 -2.46 -22.98
N ASP B 86 4.59 -3.36 -23.93
CA ASP B 86 5.28 -4.64 -23.93
C ASP B 86 6.75 -4.40 -24.23
N PHE B 87 7.02 -3.56 -25.22
CA PHE B 87 8.37 -3.13 -25.54
C PHE B 87 9.12 -2.61 -24.32
N GLU B 88 8.50 -1.72 -23.56
CA GLU B 88 9.10 -1.14 -22.38
C GLU B 88 9.34 -2.18 -21.29
N LYS B 89 8.34 -3.01 -21.07
CA LYS B 89 8.41 -4.02 -20.05
C LYS B 89 9.55 -5.01 -20.28
N ILE B 90 9.69 -5.48 -21.50
CA ILE B 90 10.71 -6.46 -21.84
C ILE B 90 12.09 -5.82 -21.77
N SER B 91 12.18 -4.58 -22.26
CA SER B 91 13.41 -3.82 -22.21
C SER B 91 13.93 -3.69 -20.77
N ALA B 92 13.07 -3.19 -19.88
CA ALA B 92 13.46 -3.00 -18.50
C ALA B 92 13.75 -4.32 -17.83
N THR B 93 13.02 -5.36 -18.20
CA THR B 93 13.20 -6.64 -17.58
C THR B 93 14.57 -7.22 -17.91
N LEU B 94 14.97 -7.08 -19.16
CA LEU B 94 16.26 -7.59 -19.62
C LEU B 94 17.42 -6.78 -19.04
N GLY B 95 17.23 -5.47 -18.94
CA GLY B 95 18.19 -4.65 -18.25
C GLY B 95 18.39 -5.11 -16.80
N ASN B 96 17.29 -5.28 -16.07
CA ASN B 96 17.37 -5.71 -14.68
C ASN B 96 18.04 -7.07 -14.52
N LEU B 97 17.71 -8.01 -15.40
CA LEU B 97 18.32 -9.32 -15.40
C LEU B 97 19.83 -9.29 -15.66
N TYR B 98 20.28 -8.41 -16.55
CA TYR B 98 21.70 -8.25 -16.79
C TYR B 98 22.41 -7.73 -15.54
N VAL B 99 21.82 -6.74 -14.89
CA VAL B 99 22.40 -6.22 -13.66
C VAL B 99 22.52 -7.34 -12.63
N ALA B 100 21.42 -8.06 -12.42
CA ALA B 100 21.36 -9.09 -11.40
C ALA B 100 22.26 -10.29 -11.65
N THR B 101 22.40 -10.70 -12.92
CA THR B 101 23.10 -11.94 -13.23
C THR B 101 24.47 -11.77 -13.89
N GLY B 102 24.65 -10.68 -14.62
CA GLY B 102 25.86 -10.48 -15.39
C GLY B 102 25.94 -11.37 -16.61
N LYS B 103 24.85 -12.07 -16.92
CA LYS B 103 24.83 -12.93 -18.10
C LYS B 103 24.61 -12.17 -19.41
N PRO B 104 25.61 -12.25 -20.31
CA PRO B 104 25.61 -11.58 -21.61
C PRO B 104 24.40 -11.94 -22.48
N VAL B 105 23.83 -13.12 -22.26
CA VAL B 105 22.66 -13.50 -23.00
C VAL B 105 21.51 -12.48 -22.89
N TYR B 106 21.33 -11.88 -21.71
CA TYR B 106 20.28 -10.88 -21.57
C TYR B 106 20.59 -9.62 -22.38
N ALA B 107 21.86 -9.26 -22.47
CA ALA B 107 22.30 -8.12 -23.25
C ALA B 107 22.08 -8.37 -24.74
N THR B 108 22.49 -9.55 -25.19
CA THR B 108 22.31 -9.99 -26.56
CA THR B 108 22.30 -9.91 -26.58
C THR B 108 20.81 -9.98 -26.92
N CYS B 109 19.97 -10.41 -25.99
CA CYS B 109 18.53 -10.41 -26.22
C CYS B 109 17.95 -8.99 -26.38
N LEU B 110 18.42 -8.07 -25.55
CA LEU B 110 17.96 -6.70 -25.60
C LEU B 110 18.38 -6.05 -26.92
N LEU B 111 19.63 -6.25 -27.29
CA LEU B 111 20.16 -5.68 -28.51
C LEU B 111 19.43 -6.16 -29.77
N ASN B 112 19.02 -7.43 -29.79
CA ASN B 112 18.31 -7.95 -30.93
C ASN B 112 16.93 -7.29 -31.09
N MET B 113 16.23 -7.09 -29.99
CA MET B 113 14.97 -6.39 -30.03
C MET B 113 15.14 -4.94 -30.49
N LEU B 114 16.08 -4.23 -29.88
CA LEU B 114 16.34 -2.85 -30.24
C LEU B 114 16.85 -2.68 -31.68
N ASP B 115 17.64 -3.63 -32.15
CA ASP B 115 18.18 -3.57 -33.51
C ASP B 115 17.02 -3.58 -34.47
N LYS B 116 16.03 -4.42 -34.18
CA LYS B 116 14.86 -4.59 -35.01
C LYS B 116 14.09 -3.28 -35.11
N TRP B 117 13.95 -2.59 -33.99
CA TRP B 117 13.30 -1.30 -33.95
C TRP B 117 14.13 -0.24 -34.66
N ALA B 118 15.44 -0.25 -34.44
CA ALA B 118 16.32 0.69 -35.08
C ALA B 118 16.30 0.60 -36.60
N LYS B 119 16.35 -0.61 -37.14
CA LYS B 119 16.36 -0.79 -38.59
CA LYS B 119 16.36 -0.79 -38.59
C LYS B 119 15.06 -0.32 -39.22
N ALA B 120 13.97 -0.29 -38.44
CA ALA B 120 12.69 0.19 -38.92
C ALA B 120 12.50 1.69 -38.74
N ASP B 121 13.54 2.36 -38.26
CA ASP B 121 13.44 3.79 -37.96
C ASP B 121 12.26 4.11 -37.06
N ALA B 122 12.03 3.26 -36.07
CA ALA B 122 10.95 3.48 -35.13
C ALA B 122 11.18 4.72 -34.28
N LEU B 123 10.09 5.27 -33.77
CA LEU B 123 10.12 6.38 -32.83
C LEU B 123 10.61 7.68 -33.46
N LEU B 124 10.55 7.73 -34.78
CA LEU B 124 11.03 8.88 -35.52
C LEU B 124 9.97 9.62 -36.32
N ASN B 125 9.02 8.88 -36.86
CA ASN B 125 8.04 9.49 -37.75
C ASN B 125 6.67 9.62 -37.09
N TYR B 126 6.34 10.84 -36.70
CA TYR B 126 5.08 11.11 -36.03
C TYR B 126 4.78 12.60 -36.04
N ASP B 127 3.52 12.93 -35.81
CA ASP B 127 3.09 14.29 -35.59
C ASP B 127 3.46 14.70 -34.18
N PRO B 128 4.34 15.71 -34.05
CA PRO B 128 4.80 16.27 -32.77
C PRO B 128 3.64 16.77 -31.92
N LYS B 129 2.52 17.04 -32.56
CA LYS B 129 1.35 17.57 -31.87
C LYS B 129 0.43 16.47 -31.37
N SER B 130 0.82 15.21 -31.56
CA SER B 130 -0.02 14.11 -31.17
C SER B 130 0.47 13.40 -29.93
N GLN B 131 -0.32 12.44 -29.47
CA GLN B 131 0.02 11.63 -28.32
C GLN B 131 1.34 10.90 -28.54
N SER B 132 1.65 10.60 -29.79
CA SER B 132 2.89 9.91 -30.15
C SER B 132 4.14 10.60 -29.60
N TRP B 133 4.11 11.92 -29.51
CA TRP B 133 5.25 12.66 -28.98
C TRP B 133 5.62 12.21 -27.58
N TYR B 134 4.60 12.03 -26.74
CA TYR B 134 4.84 11.58 -25.37
C TYR B 134 5.29 10.12 -25.33
N GLN B 135 4.70 9.28 -26.17
CA GLN B 135 5.04 7.88 -26.19
C GLN B 135 6.51 7.68 -26.53
N VAL B 136 7.07 8.55 -27.36
CA VAL B 136 8.47 8.44 -27.74
C VAL B 136 9.39 8.67 -26.55
N GLU B 137 9.11 9.70 -25.75
CA GLU B 137 9.96 10.01 -24.62
C GLU B 137 10.02 8.84 -23.64
N TRP B 138 8.90 8.17 -23.43
CA TRP B 138 8.79 7.09 -22.48
C TRP B 138 9.50 5.84 -22.97
N SER B 139 9.29 5.50 -24.24
CA SER B 139 9.84 4.28 -24.78
C SER B 139 11.33 4.39 -25.05
N ALA B 140 11.77 5.54 -25.52
CA ALA B 140 13.18 5.73 -25.82
C ALA B 140 14.01 5.71 -24.54
N ALA B 141 13.51 6.39 -23.51
CA ALA B 141 14.20 6.45 -22.25
C ALA B 141 14.24 5.05 -21.61
N THR B 142 13.15 4.31 -21.72
CA THR B 142 13.08 2.99 -21.13
C THR B 142 14.15 2.11 -21.73
N ALA B 143 14.27 2.14 -23.05
CA ALA B 143 15.23 1.33 -23.75
C ALA B 143 16.66 1.78 -23.43
N ALA B 144 16.85 3.09 -23.31
CA ALA B 144 18.17 3.63 -23.03
C ALA B 144 18.68 3.27 -21.63
N PHE B 145 17.80 3.30 -20.63
CA PHE B 145 18.16 2.89 -19.29
C PHE B 145 18.69 1.46 -19.28
N ALA B 146 17.96 0.56 -19.93
CA ALA B 146 18.35 -0.85 -19.97
C ALA B 146 19.68 -1.02 -20.68
N LEU B 147 19.84 -0.36 -21.82
CA LEU B 147 21.04 -0.45 -22.61
C LEU B 147 22.24 0.13 -21.84
N SER B 148 21.98 1.15 -21.03
CA SER B 148 23.06 1.85 -20.38
C SER B 148 23.83 0.96 -19.41
N THR B 149 23.20 -0.13 -19.00
CA THR B 149 23.82 -1.01 -18.04
C THR B 149 24.78 -1.97 -18.71
N MET B 150 24.73 -2.05 -20.03
CA MET B 150 25.51 -3.04 -20.73
C MET B 150 26.48 -2.42 -21.75
N MET B 151 26.76 -1.14 -21.57
CA MET B 151 27.63 -0.43 -22.49
C MET B 151 29.07 -0.93 -22.37
N ALA B 152 29.40 -1.56 -21.24
CA ALA B 152 30.75 -2.05 -21.02
C ALA B 152 30.91 -3.54 -21.34
N GLU B 153 29.79 -4.20 -21.65
CA GLU B 153 29.77 -5.63 -21.92
C GLU B 153 30.49 -5.98 -23.22
N PRO B 154 31.58 -6.77 -23.13
CA PRO B 154 32.39 -7.12 -24.29
C PRO B 154 31.79 -8.25 -25.14
N ASN B 155 31.00 -9.10 -24.50
CA ASN B 155 30.47 -10.28 -25.14
C ASN B 155 29.11 -10.03 -25.82
N VAL B 156 29.09 -9.04 -26.72
CA VAL B 156 27.93 -8.74 -27.55
C VAL B 156 28.44 -8.36 -28.92
N ASP B 157 27.54 -8.26 -29.90
CA ASP B 157 27.88 -7.73 -31.19
C ASP B 157 28.07 -6.22 -31.04
N THR B 158 29.33 -5.76 -31.09
CA THR B 158 29.63 -4.36 -30.84
C THR B 158 29.12 -3.44 -31.95
N ALA B 159 29.05 -3.95 -33.18
CA ALA B 159 28.51 -3.19 -34.28
C ALA B 159 27.01 -2.94 -34.05
N GLN B 160 26.33 -3.95 -33.56
CA GLN B 160 24.91 -3.86 -33.28
C GLN B 160 24.63 -2.84 -32.18
N ARG B 161 25.39 -2.90 -31.08
CA ARG B 161 25.22 -1.95 -29.99
C ARG B 161 25.40 -0.53 -30.50
N GLU B 162 26.42 -0.33 -31.31
CA GLU B 162 26.71 0.97 -31.87
C GLU B 162 25.56 1.52 -32.73
N ARG B 163 25.07 0.67 -33.61
CA ARG B 163 23.93 0.98 -34.46
C ARG B 163 22.73 1.39 -33.62
N VAL B 164 22.50 0.65 -32.54
CA VAL B 164 21.37 0.92 -31.67
C VAL B 164 21.57 2.23 -30.91
N VAL B 165 22.79 2.48 -30.48
CA VAL B 165 23.09 3.72 -29.79
C VAL B 165 22.84 4.92 -30.69
N LYS B 166 23.31 4.83 -31.94
CA LYS B 166 23.12 5.91 -32.90
C LYS B 166 21.64 6.17 -33.11
N TRP B 167 20.89 5.09 -33.22
CA TRP B 167 19.46 5.22 -33.40
C TRP B 167 18.80 6.00 -32.25
N LEU B 168 19.11 5.62 -31.01
CA LEU B 168 18.50 6.31 -29.86
C LEU B 168 18.91 7.78 -29.81
N ASN B 169 20.12 8.08 -30.27
CA ASN B 169 20.56 9.45 -30.34
C ASN B 169 19.73 10.27 -31.31
N ARG B 170 19.47 9.70 -32.49
CA ARG B 170 18.63 10.34 -33.48
CA ARG B 170 18.63 10.34 -33.48
C ARG B 170 17.21 10.55 -32.92
N VAL B 171 16.65 9.52 -32.31
CA VAL B 171 15.34 9.62 -31.69
C VAL B 171 15.26 10.81 -30.72
N ALA B 172 16.23 10.90 -29.81
CA ALA B 172 16.19 11.92 -28.77
C ALA B 172 16.40 13.31 -29.35
N ARG B 173 17.31 13.41 -30.32
CA ARG B 173 17.60 14.68 -30.98
C ARG B 173 16.40 15.24 -31.71
N HIS B 174 15.66 14.37 -32.38
CA HIS B 174 14.42 14.73 -33.03
C HIS B 174 13.32 15.10 -32.03
N GLN B 175 13.11 14.23 -31.04
CA GLN B 175 12.08 14.42 -30.04
C GLN B 175 12.24 15.72 -29.25
N THR B 176 13.48 16.05 -28.91
CA THR B 176 13.76 17.24 -28.13
C THR B 176 14.00 18.48 -28.97
N SER B 177 13.74 18.40 -30.27
CA SER B 177 13.91 19.58 -31.11
C SER B 177 12.63 20.41 -31.11
N PHE B 178 11.55 19.80 -30.63
CA PHE B 178 10.27 20.48 -30.49
C PHE B 178 10.12 21.09 -29.11
N PRO B 179 9.87 22.40 -29.07
CA PRO B 179 9.78 23.24 -27.87
C PRO B 179 8.60 22.90 -26.93
N GLY B 180 7.54 22.31 -27.46
CA GLY B 180 6.35 22.06 -26.67
C GLY B 180 5.49 23.30 -26.60
N GLY B 181 4.35 23.20 -25.92
CA GLY B 181 3.40 24.29 -25.88
C GLY B 181 3.56 25.24 -24.72
N ASP B 182 2.43 25.71 -24.21
CA ASP B 182 2.40 26.65 -23.11
C ASP B 182 2.61 25.91 -21.80
N THR B 183 2.14 24.67 -21.77
CA THR B 183 2.28 23.83 -20.60
C THR B 183 3.40 22.82 -20.80
N SER B 184 3.35 22.06 -21.90
CA SER B 184 4.29 20.97 -22.17
C SER B 184 5.76 21.36 -22.33
N CYS B 185 6.02 22.65 -22.54
CA CYS B 185 7.37 23.19 -22.59
C CYS B 185 8.08 23.03 -21.26
N CYS B 186 7.29 23.02 -20.20
CA CYS B 186 7.79 23.40 -18.90
C CYS B 186 7.22 22.54 -17.76
N ASN B 187 6.28 21.67 -18.10
CA ASN B 187 5.66 20.80 -17.10
C ASN B 187 6.37 19.46 -16.94
N ASN B 188 5.70 18.47 -16.36
CA ASN B 188 6.31 17.17 -16.18
C ASN B 188 6.81 16.55 -17.50
N ALA B 189 6.13 16.85 -18.60
CA ALA B 189 6.54 16.37 -19.90
C ALA B 189 7.95 16.85 -20.25
N SER B 190 8.23 18.10 -19.91
CA SER B 190 9.55 18.66 -20.10
C SER B 190 10.57 17.84 -19.32
N TYR B 191 10.18 17.40 -18.13
CA TYR B 191 11.11 16.68 -17.27
C TYR B 191 11.36 15.26 -17.82
N TRP B 192 10.30 14.66 -18.37
CA TRP B 192 10.42 13.37 -19.04
C TRP B 192 11.35 13.46 -20.24
N ARG B 193 11.23 14.56 -20.99
CA ARG B 193 12.12 14.79 -22.12
CA ARG B 193 12.13 14.78 -22.12
C ARG B 193 13.56 14.97 -21.60
N GLY B 194 13.67 15.59 -20.43
CA GLY B 194 14.96 15.75 -19.79
C GLY B 194 15.61 14.42 -19.47
N GLN B 195 14.89 13.48 -18.87
CA GLN B 195 15.52 12.24 -18.51
C GLN B 195 15.92 11.46 -19.77
N GLU B 196 15.11 11.56 -20.81
CA GLU B 196 15.41 10.96 -22.09
C GLU B 196 16.71 11.52 -22.67
N ALA B 197 16.83 12.85 -22.68
CA ALA B 197 18.02 13.50 -23.19
C ALA B 197 19.25 13.15 -22.35
N THR B 198 19.08 13.08 -21.04
CA THR B 198 20.20 12.82 -20.16
C THR B 198 20.81 11.42 -20.30
N ILE B 199 19.96 10.40 -20.22
CA ILE B 199 20.46 9.05 -20.34
C ILE B 199 20.97 8.73 -21.75
N ILE B 200 20.35 9.29 -22.77
CA ILE B 200 20.80 9.02 -24.13
C ILE B 200 22.06 9.81 -24.46
N GLY B 201 22.18 10.99 -23.88
CA GLY B 201 23.37 11.80 -24.03
C GLY B 201 24.55 11.07 -23.44
N VAL B 202 24.34 10.43 -22.30
CA VAL B 202 25.38 9.64 -21.66
C VAL B 202 25.86 8.47 -22.52
N ILE B 203 24.95 7.63 -22.98
CA ILE B 203 25.37 6.45 -23.71
C ILE B 203 25.87 6.74 -25.12
N SER B 204 25.46 7.86 -25.70
CA SER B 204 25.94 8.25 -27.03
C SER B 204 27.09 9.26 -26.95
N LYS B 205 27.51 9.56 -25.73
CA LYS B 205 28.54 10.57 -25.52
C LYS B 205 28.21 11.85 -26.27
N ASP B 206 26.97 12.29 -26.13
CA ASP B 206 26.49 13.50 -26.76
C ASP B 206 26.35 14.58 -25.70
N ASP B 207 27.36 15.43 -25.59
CA ASP B 207 27.39 16.46 -24.57
C ASP B 207 26.21 17.44 -24.70
N GLU B 208 25.80 17.76 -25.92
CA GLU B 208 24.70 18.68 -26.12
C GLU B 208 23.44 18.12 -25.49
N LEU B 209 23.15 16.88 -25.84
CA LEU B 209 21.97 16.23 -25.34
C LEU B 209 22.01 16.17 -23.82
N PHE B 210 23.19 15.88 -23.29
CA PHE B 210 23.40 15.76 -21.85
C PHE B 210 23.06 17.08 -21.18
N ARG B 211 23.64 18.17 -21.69
CA ARG B 211 23.42 19.48 -21.10
C ARG B 211 21.96 19.87 -21.16
N TRP B 212 21.33 19.62 -22.29
CA TRP B 212 19.93 19.96 -22.45
C TRP B 212 19.09 19.25 -21.37
N GLY B 213 19.45 18.01 -21.07
CA GLY B 213 18.75 17.23 -20.08
C GLY B 213 18.88 17.84 -18.71
N LEU B 214 20.11 18.18 -18.33
CA LEU B 214 20.35 18.79 -17.06
C LEU B 214 19.59 20.12 -16.94
N GLY B 215 19.49 20.84 -18.05
CA GLY B 215 18.76 22.07 -18.08
C GLY B 215 17.30 21.96 -17.68
N ARG B 216 16.70 20.80 -17.97
CA ARG B 216 15.30 20.58 -17.64
C ARG B 216 15.09 20.45 -16.13
N TYR B 217 16.08 19.89 -15.45
CA TYR B 217 16.04 19.79 -14.00
C TYR B 217 16.10 21.18 -13.40
N VAL B 218 16.96 22.01 -13.97
CA VAL B 218 17.10 23.37 -13.52
C VAL B 218 15.80 24.15 -13.72
N GLN B 219 15.21 24.00 -14.90
CA GLN B 219 13.94 24.62 -15.20
C GLN B 219 12.90 24.26 -14.14
N ALA B 220 12.85 22.98 -13.76
CA ALA B 220 11.91 22.50 -12.76
C ALA B 220 12.06 23.15 -11.38
N MET B 221 13.30 23.32 -10.93
CA MET B 221 13.54 23.86 -9.61
C MET B 221 12.98 25.29 -9.48
N GLY B 222 12.99 26.03 -10.57
CA GLY B 222 12.44 27.36 -10.58
C GLY B 222 10.93 27.39 -10.70
N LEU B 223 10.32 26.22 -10.76
CA LEU B 223 8.87 26.14 -10.89
C LEU B 223 8.22 25.51 -9.67
N ILE B 224 8.95 25.58 -8.55
CA ILE B 224 8.45 25.09 -7.30
C ILE B 224 7.94 26.24 -6.45
N ASN B 225 6.69 26.13 -6.03
CA ASN B 225 6.10 27.07 -5.08
C ASN B 225 6.73 26.91 -3.72
N GLU B 226 6.49 27.87 -2.85
CA GLU B 226 7.10 27.86 -1.52
C GLU B 226 6.67 26.66 -0.69
N ASP B 227 5.48 26.13 -0.94
CA ASP B 227 5.01 24.95 -0.24
C ASP B 227 5.64 23.67 -0.80
N GLY B 228 6.31 23.78 -1.94
CA GLY B 228 7.00 22.66 -2.54
C GLY B 228 6.24 22.10 -3.72
N SER B 229 5.15 22.76 -4.07
CA SER B 229 4.31 22.29 -5.15
C SER B 229 4.83 22.77 -6.50
N PHE B 230 4.70 21.93 -7.53
CA PHE B 230 5.03 22.32 -8.89
C PHE B 230 3.92 23.14 -9.48
N VAL B 231 4.29 24.31 -10.00
CA VAL B 231 3.36 25.24 -10.60
C VAL B 231 2.40 24.61 -11.61
N HIS B 232 2.94 23.93 -12.62
CA HIS B 232 2.10 23.42 -13.70
C HIS B 232 1.27 22.19 -13.33
N GLU B 233 1.75 21.39 -12.39
CA GLU B 233 1.05 20.19 -12.02
C GLU B 233 -0.17 20.51 -11.16
N MET B 234 -0.14 21.66 -10.49
CA MET B 234 -1.24 22.09 -9.62
C MET B 234 -2.45 22.61 -10.38
N THR B 235 -2.42 22.51 -11.72
CA THR B 235 -3.51 22.95 -12.55
C THR B 235 -4.27 21.77 -13.18
N ARG B 236 -3.96 20.56 -12.71
CA ARG B 236 -4.50 19.37 -13.35
C ARG B 236 -5.75 18.84 -12.66
N HIS B 237 -6.36 19.67 -11.83
CA HIS B 237 -7.63 19.35 -11.19
C HIS B 237 -7.56 18.11 -10.29
N GLU B 238 -8.27 17.07 -10.67
CA GLU B 238 -8.34 15.87 -9.86
C GLU B 238 -7.08 14.99 -9.97
N GLN B 239 -6.25 15.27 -10.99
CA GLN B 239 -4.97 14.59 -11.19
C GLN B 239 -3.79 15.42 -10.66
N SER B 240 -4.10 16.49 -9.94
CA SER B 240 -3.08 17.42 -9.49
C SER B 240 -2.00 16.75 -8.64
N LEU B 241 -2.42 16.04 -7.60
CA LEU B 241 -1.49 15.37 -6.71
C LEU B 241 -0.77 14.24 -7.43
N HIS B 242 -1.51 13.55 -8.29
CA HIS B 242 -0.93 12.55 -9.16
C HIS B 242 0.25 13.09 -9.97
N TYR B 243 0.06 14.25 -10.61
CA TYR B 243 1.08 14.79 -11.49
C TYR B 243 2.24 15.44 -10.74
N GLN B 244 1.98 15.88 -9.52
CA GLN B 244 3.03 16.33 -8.64
C GLN B 244 3.99 15.19 -8.36
N ASN B 245 3.43 14.01 -8.08
CA ASN B 245 4.26 12.84 -7.86
C ASN B 245 4.92 12.39 -9.15
N TYR B 246 4.15 12.43 -10.22
CA TYR B 246 4.58 12.00 -11.52
C TYR B 246 5.83 12.75 -11.97
N ALA B 247 5.90 14.04 -11.62
CA ALA B 247 7.06 14.87 -11.91
C ALA B 247 8.33 14.36 -11.22
N MET B 248 8.16 13.77 -10.04
CA MET B 248 9.31 13.30 -9.27
C MET B 248 10.09 12.21 -9.99
N LEU B 249 9.39 11.44 -10.84
CA LEU B 249 9.99 10.30 -11.49
C LEU B 249 11.16 10.65 -12.40
N PRO B 250 10.94 11.50 -13.42
CA PRO B 250 12.10 11.81 -14.25
C PRO B 250 13.13 12.73 -13.59
N LEU B 251 12.70 13.64 -12.74
CA LEU B 251 13.63 14.51 -12.04
C LEU B 251 14.62 13.70 -11.25
N THR B 252 14.11 12.67 -10.57
CA THR B 252 14.96 11.78 -9.82
C THR B 252 15.99 11.09 -10.73
N MET B 253 15.55 10.57 -11.88
CA MET B 253 16.45 9.84 -12.77
C MET B 253 17.52 10.74 -13.40
N ILE B 254 17.17 11.98 -13.69
CA ILE B 254 18.15 12.92 -14.18
C ILE B 254 19.22 13.10 -13.11
N ALA B 255 18.79 13.30 -11.87
CA ALA B 255 19.69 13.44 -10.74
C ALA B 255 20.58 12.22 -10.52
N GLU B 256 20.00 11.02 -10.60
CA GLU B 256 20.76 9.80 -10.39
C GLU B 256 21.78 9.59 -11.51
N THR B 257 21.35 9.85 -12.74
CA THR B 257 22.21 9.70 -13.90
C THR B 257 23.37 10.69 -13.87
N ALA B 258 23.07 11.94 -13.56
CA ALA B 258 24.06 12.99 -13.48
C ALA B 258 25.06 12.73 -12.37
N SER B 259 24.61 12.09 -11.30
CA SER B 259 25.48 11.83 -10.18
C SER B 259 26.61 10.89 -10.60
N ARG B 260 26.32 9.99 -11.52
CA ARG B 260 27.35 9.10 -12.07
C ARG B 260 28.36 9.83 -12.94
N GLN B 261 28.05 11.06 -13.35
CA GLN B 261 28.96 11.85 -14.16
C GLN B 261 29.63 12.94 -13.30
N GLY B 262 29.53 12.80 -11.98
CA GLY B 262 30.16 13.70 -11.05
C GLY B 262 29.39 14.95 -10.69
N ILE B 263 28.13 15.02 -11.12
CA ILE B 263 27.31 16.19 -10.88
C ILE B 263 26.25 15.93 -9.82
N ASP B 264 26.11 16.88 -8.89
CA ASP B 264 25.14 16.74 -7.80
C ASP B 264 23.95 17.67 -8.01
N LEU B 265 22.96 17.20 -8.78
CA LEU B 265 21.75 17.97 -9.02
C LEU B 265 20.84 18.13 -7.81
N TYR B 266 20.86 17.15 -6.92
CA TYR B 266 20.04 17.21 -5.72
C TYR B 266 20.35 18.47 -4.94
N ALA B 267 21.62 18.87 -4.95
CA ALA B 267 22.08 20.05 -4.24
C ALA B 267 21.65 21.35 -4.91
N TYR B 268 21.20 21.28 -6.15
CA TYR B 268 20.83 22.49 -6.86
C TYR B 268 19.54 23.09 -6.34
N LYS B 269 19.55 24.38 -6.07
CA LYS B 269 18.32 25.04 -5.66
C LYS B 269 18.10 26.40 -6.30
N GLU B 270 16.83 26.81 -6.31
CA GLU B 270 16.41 28.10 -6.81
C GLU B 270 15.51 28.73 -5.76
N ASN B 271 15.96 29.84 -5.21
CA ASN B 271 15.23 30.52 -4.15
C ASN B 271 15.07 29.66 -2.92
N GLY B 272 16.10 28.89 -2.58
CA GLY B 272 16.05 28.06 -1.40
C GLY B 272 15.06 26.91 -1.51
N ARG B 273 14.53 26.71 -2.71
CA ARG B 273 13.67 25.56 -2.97
C ARG B 273 14.45 24.53 -3.76
N ASP B 274 14.23 23.27 -3.46
CA ASP B 274 14.89 22.19 -4.18
C ASP B 274 13.97 20.99 -4.26
N ILE B 275 14.47 19.90 -4.83
CA ILE B 275 13.64 18.73 -5.05
C ILE B 275 13.15 18.16 -3.73
N HIS B 276 13.87 18.46 -2.66
CA HIS B 276 13.49 18.02 -1.33
C HIS B 276 12.17 18.67 -0.89
N SER B 277 11.99 19.93 -1.26
CA SER B 277 10.74 20.63 -1.00
C SER B 277 9.58 19.90 -1.67
N ALA B 278 9.80 19.46 -2.91
CA ALA B 278 8.77 18.78 -3.66
C ALA B 278 8.44 17.43 -3.04
N ARG B 279 9.46 16.71 -2.59
CA ARG B 279 9.22 15.45 -1.91
C ARG B 279 8.35 15.65 -0.69
N LYS B 280 8.77 16.57 0.17
CA LYS B 280 8.05 16.86 1.40
C LYS B 280 6.59 17.16 1.12
N PHE B 281 6.33 17.92 0.07
CA PHE B 281 4.97 18.23 -0.32
C PHE B 281 4.15 17.01 -0.70
N VAL B 282 4.73 16.10 -1.49
CA VAL B 282 4.01 14.90 -1.87
C VAL B 282 3.63 14.09 -0.63
N PHE B 283 4.58 13.92 0.27
CA PHE B 283 4.33 13.14 1.48
C PHE B 283 3.25 13.83 2.31
N ALA B 284 3.40 15.13 2.49
CA ALA B 284 2.48 15.92 3.29
C ALA B 284 1.07 15.97 2.70
N ALA B 285 0.96 16.02 1.37
CA ALA B 285 -0.34 16.14 0.73
C ALA B 285 -1.06 14.79 0.69
N VAL B 286 -0.29 13.71 0.79
CA VAL B 286 -0.88 12.39 0.85
C VAL B 286 -1.55 12.14 2.21
N LYS B 287 -0.94 12.58 3.32
CA LYS B 287 -1.56 12.51 4.65
C LYS B 287 -2.72 13.48 4.79
N ASN B 288 -2.62 14.60 4.07
CA ASN B 288 -3.59 15.68 4.21
C ASN B 288 -3.88 16.42 2.90
N PRO B 289 -4.87 15.92 2.15
CA PRO B 289 -5.24 16.46 0.83
C PRO B 289 -6.04 17.75 0.92
N ASP B 290 -6.03 18.41 2.06
CA ASP B 290 -6.55 19.77 2.14
C ASP B 290 -5.48 20.73 1.65
N LEU B 291 -4.24 20.27 1.65
CA LEU B 291 -3.14 21.05 1.10
C LEU B 291 -3.38 21.34 -0.37
N ILE B 292 -4.01 20.39 -1.06
CA ILE B 292 -4.27 20.57 -2.47
C ILE B 292 -5.44 21.51 -2.69
N LYS B 293 -6.26 21.69 -1.66
CA LYS B 293 -7.50 22.46 -1.78
C LYS B 293 -7.22 23.91 -2.10
N LYS B 294 -5.99 24.31 -1.83
CA LYS B 294 -5.53 25.62 -2.18
C LYS B 294 -5.36 25.77 -3.69
N TYR B 295 -5.27 24.65 -4.40
CA TYR B 295 -4.99 24.68 -5.83
C TYR B 295 -6.11 24.09 -6.67
N ALA B 296 -6.76 23.07 -6.12
CA ALA B 296 -7.79 22.36 -6.86
C ALA B 296 -8.88 21.92 -5.90
N SER B 297 -10.11 21.95 -6.40
CA SER B 297 -11.28 21.69 -5.59
C SER B 297 -11.74 20.25 -5.68
N GLU B 298 -11.57 19.64 -6.84
CA GLU B 298 -11.93 18.24 -7.03
C GLU B 298 -11.15 17.36 -6.07
N PRO B 299 -11.81 16.31 -5.56
CA PRO B 299 -11.10 15.34 -4.72
C PRO B 299 -10.08 14.65 -5.60
N GLN B 300 -8.93 14.31 -5.03
CA GLN B 300 -7.82 13.83 -5.82
C GLN B 300 -7.87 12.34 -6.12
N ASP B 301 -7.54 12.00 -7.36
CA ASP B 301 -7.26 10.62 -7.74
C ASP B 301 -5.97 10.20 -7.05
N THR B 302 -6.04 9.18 -6.20
CA THR B 302 -4.89 8.75 -5.42
C THR B 302 -4.45 7.34 -5.78
N ARG B 303 -4.72 6.93 -7.01
CA ARG B 303 -4.41 5.58 -7.45
C ARG B 303 -2.92 5.29 -7.44
N ALA B 304 -2.11 6.34 -7.59
CA ALA B 304 -0.67 6.15 -7.63
C ALA B 304 -0.08 5.84 -6.25
N PHE B 305 -0.83 6.16 -5.20
CA PHE B 305 -0.29 6.04 -3.85
C PHE B 305 -0.74 4.79 -3.11
N LYS B 306 -0.37 3.66 -3.66
CA LYS B 306 -0.60 2.39 -3.00
CA LYS B 306 -0.63 2.37 -3.04
C LYS B 306 0.60 1.49 -3.29
N PRO B 307 0.89 0.59 -2.36
CA PRO B 307 2.10 -0.23 -2.46
C PRO B 307 2.14 -0.93 -3.81
N GLY B 308 3.32 -1.01 -4.39
CA GLY B 308 3.51 -1.74 -5.64
C GLY B 308 3.32 -0.90 -6.88
N ARG B 309 2.86 0.34 -6.74
CA ARG B 309 2.68 1.21 -7.89
C ARG B 309 4.03 1.68 -8.45
N GLY B 310 4.20 1.51 -9.76
CA GLY B 310 5.39 2.02 -10.43
C GLY B 310 5.67 3.47 -10.12
N ASP B 311 4.60 4.22 -9.88
CA ASP B 311 4.68 5.66 -9.61
C ASP B 311 5.58 6.02 -8.42
N LEU B 312 5.89 5.04 -7.58
CA LEU B 312 6.65 5.29 -6.37
C LEU B 312 8.14 4.96 -6.51
N ASN B 313 8.54 4.52 -7.71
CA ASN B 313 9.90 4.09 -7.95
C ASN B 313 10.95 5.12 -7.54
N TRP B 314 10.63 6.40 -7.69
CA TRP B 314 11.60 7.44 -7.37
C TRP B 314 11.99 7.44 -5.90
N ILE B 315 11.09 6.97 -5.05
CA ILE B 315 11.35 6.90 -3.62
C ILE B 315 12.48 5.92 -3.29
N GLU B 316 12.55 4.79 -4.01
CA GLU B 316 13.62 3.86 -3.77
C GLU B 316 14.98 4.54 -3.97
N TYR B 317 15.14 5.26 -5.08
CA TYR B 317 16.40 5.91 -5.36
C TYR B 317 16.72 7.02 -4.35
N GLN B 318 15.73 7.85 -4.04
CA GLN B 318 15.98 8.97 -3.15
C GLN B 318 16.25 8.51 -1.72
N ARG B 319 15.48 7.54 -1.25
CA ARG B 319 15.63 7.03 0.12
C ARG B 319 16.97 6.34 0.32
N ALA B 320 17.41 5.59 -0.68
CA ALA B 320 18.70 4.93 -0.65
C ALA B 320 19.81 5.95 -0.46
N ARG B 321 19.61 7.13 -1.03
CA ARG B 321 20.63 8.17 -1.06
C ARG B 321 20.58 9.03 0.19
N PHE B 322 19.38 9.35 0.65
CA PHE B 322 19.21 10.34 1.71
C PHE B 322 18.75 9.77 3.04
N GLY B 323 18.28 8.53 3.02
CA GLY B 323 17.96 7.82 4.25
C GLY B 323 16.73 8.29 4.98
N PHE B 324 15.86 9.04 4.31
CA PHE B 324 14.65 9.49 4.98
C PHE B 324 13.68 8.36 5.30
N ALA B 325 12.70 8.64 6.14
CA ALA B 325 11.75 7.64 6.59
C ALA B 325 10.64 7.44 5.58
N ASP B 326 10.14 6.21 5.50
CA ASP B 326 8.95 5.91 4.73
C ASP B 326 7.71 6.26 5.54
N GLU B 327 7.36 7.54 5.54
CA GLU B 327 6.26 8.07 6.34
C GLU B 327 4.92 7.46 5.98
N LEU B 328 4.68 7.26 4.68
CA LEU B 328 3.41 6.71 4.21
C LEU B 328 3.31 5.21 4.37
N GLY B 329 4.45 4.55 4.59
CA GLY B 329 4.47 3.10 4.68
C GLY B 329 4.08 2.45 3.37
N PHE B 330 4.66 2.94 2.29
CA PHE B 330 4.34 2.47 0.95
C PHE B 330 5.38 1.49 0.43
N MET B 331 6.55 1.50 1.06
CA MET B 331 7.68 0.75 0.59
C MET B 331 7.69 -0.65 1.16
N THR B 332 6.61 -1.38 0.90
CA THR B 332 6.47 -2.71 1.46
C THR B 332 6.76 -3.77 0.42
N VAL B 333 5.95 -3.81 -0.64
CA VAL B 333 6.27 -4.70 -1.74
C VAL B 333 7.29 -4.02 -2.67
N PRO B 334 7.95 -4.81 -3.52
CA PRO B 334 8.89 -4.23 -4.48
C PRO B 334 8.20 -3.38 -5.50
N ILE B 335 8.97 -2.51 -6.13
CA ILE B 335 8.41 -1.56 -7.08
C ILE B 335 9.12 -1.69 -8.42
N PHE B 336 8.32 -1.69 -9.49
CA PHE B 336 8.85 -1.89 -10.82
C PHE B 336 8.27 -0.83 -11.75
N ASP B 337 9.15 -0.08 -12.42
CA ASP B 337 8.72 0.89 -13.42
C ASP B 337 9.74 0.97 -14.54
N PRO B 338 9.38 0.42 -15.72
CA PRO B 338 10.26 0.38 -16.88
C PRO B 338 10.80 1.76 -17.23
N ARG B 339 9.93 2.75 -17.09
CA ARG B 339 10.22 4.12 -17.49
C ARG B 339 11.23 4.83 -16.59
N THR B 340 11.45 4.29 -15.40
CA THR B 340 12.52 4.78 -14.55
C THR B 340 13.53 3.68 -14.23
N GLY B 341 13.82 2.86 -15.24
CA GLY B 341 14.92 1.92 -15.16
C GLY B 341 14.59 0.58 -14.54
N GLY B 342 13.29 0.29 -14.44
CA GLY B 342 12.85 -0.98 -13.91
C GLY B 342 12.62 -1.02 -12.42
N SER B 343 13.24 -1.98 -11.74
CA SER B 343 12.98 -2.15 -10.32
C SER B 343 13.98 -1.38 -9.45
N ALA B 344 13.55 -0.26 -8.91
CA ALA B 344 14.44 0.51 -8.08
C ALA B 344 14.66 -0.18 -6.74
N THR B 345 13.75 -1.09 -6.40
CA THR B 345 13.94 -1.93 -5.24
C THR B 345 15.18 -2.79 -5.50
N LEU B 346 15.18 -3.47 -6.64
CA LEU B 346 16.29 -4.30 -7.06
C LEU B 346 17.61 -3.53 -7.15
N LEU B 347 17.54 -2.30 -7.66
CA LEU B 347 18.74 -1.57 -8.03
C LEU B 347 19.26 -0.59 -6.98
N ALA B 348 18.42 -0.18 -6.04
CA ALA B 348 18.82 0.87 -5.11
C ALA B 348 18.59 0.53 -3.64
N TYR B 349 17.56 -0.24 -3.34
CA TYR B 349 17.17 -0.47 -1.96
C TYR B 349 18.22 -1.19 -1.14
N LYS B 350 18.51 -0.59 0.03
CA LYS B 350 19.45 -1.12 0.99
C LYS B 350 18.70 -1.48 2.27
N PRO B 351 18.70 -2.76 2.62
CA PRO B 351 18.21 -3.23 3.91
C PRO B 351 19.05 -2.61 5.00
N GLN B 352 18.48 -1.80 5.87
CA GLN B 352 19.22 -1.42 7.05
C GLN B 352 19.10 -2.59 8.01
N GLY B 353 20.05 -3.52 7.98
CA GLY B 353 19.96 -4.72 8.81
C GLY B 353 21.13 -5.67 8.74
#